data_5DWM
#
_entry.id   5DWM
#
_cell.length_a   51.110
_cell.length_b   61.770
_cell.length_c   77.030
_cell.angle_alpha   101.730
_cell.angle_beta   92.290
_cell.angle_gamma   115.330
#
_symmetry.space_group_name_H-M   'P 1'
#
loop_
_entity.id
_entity.type
_entity.pdbx_description
1 polymer 'Phosphinothricin N-acetyltransferase'
2 non-polymer 1,2-ETHANEDIOL
3 non-polymer IMIDAZOLE
4 non-polymer GLYCEROL
5 water water
#
_entity_poly.entity_id   1
_entity_poly.type   'polypeptide(L)'
_entity_poly.pdbx_seq_one_letter_code
;MAHHHHHHMPVIRDFQPADIETITAIYTQAVLTGTGSYEIEPPTMDEMAKRFAAFADQGFPILVAEADGRVLGYAYASYF
RVRPAYRWLAEDSIYIAPDAKGQGIGKLLLRELIARISALGFRQLLAVIGDGEHNIGSVKLHESLGFTHCGRIEGSGFKH
GRWLDTVLMQLPLNGGRSTEPGPSPLS
;
_entity_poly.pdbx_strand_id   A,B,C,D
#
loop_
_chem_comp.id
_chem_comp.type
_chem_comp.name
_chem_comp.formula
EDO non-polymer 1,2-ETHANEDIOL 'C2 H6 O2'
GOL non-polymer GLYCEROL 'C3 H8 O3'
IMD non-polymer IMIDAZOLE 'C3 H5 N2 1'
#
# COMPACT_ATOMS: atom_id res chain seq x y z
N HIS A 8 -35.62 40.07 -6.72
CA HIS A 8 -34.28 39.97 -6.15
C HIS A 8 -34.07 38.59 -5.55
N MET A 9 -34.85 37.62 -6.02
CA MET A 9 -34.75 36.25 -5.49
C MET A 9 -33.62 35.52 -6.20
N PRO A 10 -32.64 34.99 -5.47
CA PRO A 10 -31.52 34.28 -6.12
C PRO A 10 -31.81 32.81 -6.38
N VAL A 11 -31.32 32.33 -7.52
CA VAL A 11 -31.40 30.92 -7.91
C VAL A 11 -29.98 30.38 -8.06
N ILE A 12 -29.73 29.16 -7.57
CA ILE A 12 -28.45 28.48 -7.74
C ILE A 12 -28.52 27.56 -8.95
N ARG A 13 -27.52 27.66 -9.84
CA ARG A 13 -27.46 26.81 -11.02
C ARG A 13 -26.01 26.50 -11.36
N ASP A 14 -25.82 25.54 -12.27
CA ASP A 14 -24.48 25.23 -12.73
C ASP A 14 -23.88 26.40 -13.51
N PHE A 15 -22.58 26.60 -13.33
CA PHE A 15 -21.82 27.52 -14.14
C PHE A 15 -21.87 27.13 -15.62
N GLN A 16 -21.91 28.15 -16.47
CA GLN A 16 -21.72 27.98 -17.91
CA GLN A 16 -21.79 28.07 -17.93
C GLN A 16 -20.64 28.95 -18.36
N PRO A 17 -19.95 28.65 -19.47
CA PRO A 17 -18.85 29.54 -19.90
C PRO A 17 -19.26 31.00 -20.09
N ALA A 18 -20.51 31.27 -20.45
CA ALA A 18 -20.97 32.65 -20.57
C ALA A 18 -20.86 33.42 -19.27
N ASP A 19 -20.76 32.73 -18.13
CA ASP A 19 -20.65 33.39 -16.84
C ASP A 19 -19.25 33.88 -16.52
N ILE A 20 -18.25 33.56 -17.35
CA ILE A 20 -16.88 33.83 -16.94
CA ILE A 20 -16.86 33.84 -17.01
C ILE A 20 -16.61 35.34 -16.85
N GLU A 21 -17.28 36.16 -17.67
CA GLU A 21 -17.05 37.60 -17.60
C GLU A 21 -17.42 38.15 -16.23
N THR A 22 -18.62 37.82 -15.73
CA THR A 22 -19.04 38.32 -14.42
C THR A 22 -18.23 37.68 -13.29
N ILE A 23 -17.94 36.38 -13.39
CA ILE A 23 -17.12 35.73 -12.38
C ILE A 23 -15.76 36.41 -12.26
N THR A 24 -15.15 36.73 -13.41
CA THR A 24 -13.88 37.47 -13.40
C THR A 24 -14.03 38.83 -12.74
N ALA A 25 -15.13 39.54 -13.02
CA ALA A 25 -15.34 40.83 -12.38
C ALA A 25 -15.50 40.70 -10.86
N ILE A 26 -16.23 39.68 -10.40
CA ILE A 26 -16.41 39.46 -8.97
C ILE A 26 -15.05 39.15 -8.33
N TYR A 27 -14.30 38.24 -8.92
CA TYR A 27 -13.01 37.87 -8.34
C TYR A 27 -12.04 39.04 -8.38
N THR A 28 -12.08 39.86 -9.45
CA THR A 28 -11.21 41.03 -9.53
C THR A 28 -11.40 41.94 -8.32
N GLN A 29 -12.66 42.22 -7.95
CA GLN A 29 -12.91 43.06 -6.79
C GLN A 29 -12.41 42.40 -5.50
N ALA A 30 -12.61 41.08 -5.36
CA ALA A 30 -12.07 40.36 -4.21
C ALA A 30 -10.56 40.50 -4.12
N VAL A 31 -9.87 40.36 -5.24
CA VAL A 31 -8.41 40.44 -5.24
C VAL A 31 -7.96 41.85 -4.87
N LEU A 32 -8.61 42.87 -5.44
CA LEU A 32 -8.13 44.24 -5.28
C LEU A 32 -8.49 44.81 -3.91
N THR A 33 -9.67 44.48 -3.38
CA THR A 33 -10.18 45.12 -2.18
C THR A 33 -10.24 44.20 -0.96
N GLY A 34 -9.95 42.90 -1.10
CA GLY A 34 -10.15 41.97 -0.02
C GLY A 34 -8.90 41.16 0.26
N THR A 35 -8.96 40.39 1.34
CA THR A 35 -7.83 39.57 1.75
C THR A 35 -8.19 38.10 1.89
N GLY A 36 -9.37 37.69 1.41
CA GLY A 36 -9.64 36.27 1.31
C GLY A 36 -8.80 35.61 0.23
N SER A 37 -8.59 36.32 -0.87
CA SER A 37 -7.69 35.87 -1.91
C SER A 37 -6.26 36.29 -1.58
N TYR A 38 -5.33 35.36 -1.76
CA TYR A 38 -3.91 35.67 -1.62
C TYR A 38 -3.25 36.01 -2.95
N GLU A 39 -4.04 36.24 -4.00
CA GLU A 39 -3.50 36.82 -5.21
C GLU A 39 -3.48 38.34 -5.08
N ILE A 40 -2.58 38.97 -5.83
CA ILE A 40 -2.41 40.42 -5.81
C ILE A 40 -2.89 41.05 -7.11
N GLU A 41 -2.61 40.40 -8.24
N GLU A 41 -2.53 40.44 -8.26
CA GLU A 41 -2.99 40.90 -9.56
CA GLU A 41 -3.00 40.86 -9.57
C GLU A 41 -4.18 40.11 -10.07
C GLU A 41 -4.25 40.10 -9.92
N PRO A 42 -5.32 40.76 -10.35
CA PRO A 42 -6.51 40.04 -10.82
C PRO A 42 -6.20 39.27 -12.09
N PRO A 43 -6.58 37.99 -12.14
CA PRO A 43 -6.43 37.20 -13.37
C PRO A 43 -7.30 37.76 -14.49
N THR A 44 -6.87 37.52 -15.72
CA THR A 44 -7.70 37.84 -16.87
C THR A 44 -8.89 36.87 -16.96
N MET A 45 -9.87 37.25 -17.77
CA MET A 45 -10.93 36.31 -18.12
CA MET A 45 -10.94 36.32 -18.15
C MET A 45 -10.36 35.05 -18.76
N ASP A 46 -9.33 35.20 -19.60
CA ASP A 46 -8.71 34.05 -20.24
C ASP A 46 -8.20 33.06 -19.20
N GLU A 47 -7.51 33.58 -18.19
CA GLU A 47 -6.97 32.74 -17.13
C GLU A 47 -8.08 32.12 -16.28
N MET A 48 -9.13 32.89 -15.98
CA MET A 48 -10.24 32.33 -15.20
C MET A 48 -10.93 31.21 -15.97
N ALA A 49 -11.12 31.39 -17.28
CA ALA A 49 -11.74 30.32 -18.07
C ALA A 49 -10.88 29.06 -18.05
N LYS A 50 -9.56 29.22 -18.13
CA LYS A 50 -8.67 28.05 -18.05
C LYS A 50 -8.79 27.35 -16.71
N ARG A 51 -8.82 28.14 -15.62
CA ARG A 51 -8.91 27.54 -14.28
C ARG A 51 -10.21 26.75 -14.12
N PHE A 52 -11.32 27.35 -14.54
CA PHE A 52 -12.62 26.70 -14.38
C PHE A 52 -12.75 25.48 -15.29
N ALA A 53 -12.21 25.55 -16.50
CA ALA A 53 -12.23 24.39 -17.38
C ALA A 53 -11.46 23.22 -16.76
N ALA A 54 -10.37 23.51 -16.05
CA ALA A 54 -9.63 22.45 -15.37
C ALA A 54 -10.44 21.82 -14.24
N PHE A 55 -11.10 22.65 -13.42
CA PHE A 55 -11.97 22.11 -12.37
C PHE A 55 -13.05 21.21 -12.95
N ALA A 56 -13.67 21.65 -14.05
CA ALA A 56 -14.72 20.85 -14.68
C ALA A 56 -14.16 19.55 -15.24
N ASP A 57 -12.98 19.60 -15.86
CA ASP A 57 -12.36 18.38 -16.39
C ASP A 57 -12.10 17.38 -15.27
N GLN A 58 -11.77 17.85 -14.07
CA GLN A 58 -11.55 16.96 -12.94
CA GLN A 58 -11.56 16.95 -12.95
C GLN A 58 -12.84 16.38 -12.39
N GLY A 59 -14.00 16.95 -12.74
CA GLY A 59 -15.28 16.47 -12.27
C GLY A 59 -15.92 17.26 -11.15
N PHE A 60 -15.36 18.40 -10.78
CA PHE A 60 -15.84 19.15 -9.63
C PHE A 60 -17.00 20.04 -10.03
N PRO A 61 -17.94 20.26 -9.11
CA PRO A 61 -19.06 21.17 -9.40
C PRO A 61 -18.64 22.62 -9.32
N ILE A 62 -19.26 23.42 -10.17
CA ILE A 62 -19.04 24.87 -10.22
C ILE A 62 -20.42 25.50 -10.31
N LEU A 63 -20.74 26.35 -9.33
CA LEU A 63 -22.09 26.87 -9.16
C LEU A 63 -22.08 28.39 -9.20
N VAL A 64 -23.20 28.95 -9.67
CA VAL A 64 -23.41 30.39 -9.65
C VAL A 64 -24.76 30.70 -9.02
N ALA A 65 -24.85 31.87 -8.41
CA ALA A 65 -26.12 32.41 -7.91
C ALA A 65 -26.54 33.52 -8.84
N GLU A 66 -27.78 33.45 -9.34
CA GLU A 66 -28.28 34.42 -10.30
CA GLU A 66 -28.28 34.41 -10.30
C GLU A 66 -29.57 35.03 -9.79
N ALA A 67 -29.69 36.35 -9.90
CA ALA A 67 -30.90 37.07 -9.56
C ALA A 67 -31.02 38.27 -10.49
N ASP A 68 -32.23 38.48 -11.02
CA ASP A 68 -32.49 39.53 -12.00
C ASP A 68 -31.52 39.46 -13.18
N GLY A 69 -31.21 38.24 -13.61
CA GLY A 69 -30.33 38.04 -14.74
C GLY A 69 -28.86 38.28 -14.48
N ARG A 70 -28.47 38.70 -13.27
CA ARG A 70 -27.09 38.97 -12.92
C ARG A 70 -26.54 37.82 -12.09
N VAL A 71 -25.29 37.43 -12.37
CA VAL A 71 -24.58 36.50 -11.48
C VAL A 71 -24.07 37.29 -10.28
N LEU A 72 -24.48 36.88 -9.09
CA LEU A 72 -24.16 37.59 -7.86
C LEU A 72 -23.06 36.93 -7.05
N GLY A 73 -22.69 35.70 -7.39
CA GLY A 73 -21.65 35.00 -6.66
C GLY A 73 -21.44 33.65 -7.30
N TYR A 74 -20.36 32.99 -6.88
CA TYR A 74 -20.04 31.67 -7.42
C TYR A 74 -19.33 30.85 -6.35
N ALA A 75 -19.36 29.54 -6.56
CA ALA A 75 -18.72 28.61 -5.64
C ALA A 75 -18.23 27.41 -6.43
N TYR A 76 -17.11 26.84 -6.00
CA TYR A 76 -16.65 25.61 -6.60
C TYR A 76 -15.90 24.80 -5.56
N ALA A 77 -15.67 23.54 -5.88
CA ALA A 77 -14.82 22.66 -5.09
C ALA A 77 -13.64 22.19 -5.94
N SER A 78 -12.58 21.80 -5.24
CA SER A 78 -11.37 21.28 -5.88
C SER A 78 -10.64 20.45 -4.83
N TYR A 79 -9.50 19.88 -5.21
CA TYR A 79 -8.69 19.16 -4.24
C TYR A 79 -7.94 20.13 -3.35
N PHE A 80 -7.80 19.75 -2.06
CA PHE A 80 -6.81 20.42 -1.20
C PHE A 80 -5.40 20.11 -1.69
N ARG A 81 -5.08 18.82 -1.80
CA ARG A 81 -3.86 18.32 -2.41
C ARG A 81 -4.20 17.08 -3.22
N VAL A 82 -3.35 16.73 -4.19
CA VAL A 82 -3.72 15.79 -5.23
C VAL A 82 -3.24 14.35 -5.01
N ARG A 83 -2.39 14.09 -4.03
CA ARG A 83 -1.89 12.74 -3.87
CA ARG A 83 -1.88 12.74 -3.84
C ARG A 83 -3.03 11.79 -3.47
N PRO A 84 -2.92 10.51 -3.85
CA PRO A 84 -4.10 9.61 -3.78
C PRO A 84 -4.77 9.45 -2.42
N ALA A 85 -4.03 9.44 -1.31
CA ALA A 85 -4.69 9.28 -0.02
C ALA A 85 -5.63 10.44 0.29
N TYR A 86 -5.45 11.61 -0.35
CA TYR A 86 -6.27 12.79 -0.14
C TYR A 86 -7.57 12.78 -0.96
N ARG A 87 -7.86 11.73 -1.74
CA ARG A 87 -8.92 11.80 -2.74
C ARG A 87 -10.33 11.87 -2.17
N TRP A 88 -10.51 11.70 -0.86
CA TRP A 88 -11.82 11.88 -0.23
C TRP A 88 -11.96 13.25 0.43
N LEU A 89 -11.00 14.14 0.22
CA LEU A 89 -10.97 15.47 0.81
C LEU A 89 -11.13 16.49 -0.30
N ALA A 90 -12.16 17.33 -0.21
CA ALA A 90 -12.35 18.44 -1.13
C ALA A 90 -12.23 19.77 -0.39
N GLU A 91 -11.99 20.84 -1.15
CA GLU A 91 -11.87 22.19 -0.61
C GLU A 91 -12.89 23.08 -1.31
N ASP A 92 -13.56 23.96 -0.54
CA ASP A 92 -14.56 24.87 -1.12
C ASP A 92 -14.01 26.28 -1.28
N SER A 93 -14.52 26.96 -2.30
CA SER A 93 -14.17 28.34 -2.63
C SER A 93 -15.44 29.09 -2.98
N ILE A 94 -15.64 30.26 -2.37
CA ILE A 94 -16.88 31.03 -2.54
C ILE A 94 -16.52 32.50 -2.62
N TYR A 95 -17.06 33.19 -3.63
CA TYR A 95 -16.89 34.63 -3.77
C TYR A 95 -18.21 35.27 -4.15
N ILE A 96 -18.49 36.43 -3.54
CA ILE A 96 -19.75 37.13 -3.72
C ILE A 96 -19.46 38.52 -4.27
N ALA A 97 -20.33 38.99 -5.17
CA ALA A 97 -20.21 40.36 -5.68
C ALA A 97 -20.33 41.34 -4.53
N PRO A 98 -19.55 42.44 -4.56
CA PRO A 98 -19.60 43.38 -3.43
C PRO A 98 -20.99 43.92 -3.14
N ASP A 99 -21.78 44.21 -4.16
CA ASP A 99 -23.10 44.77 -3.91
C ASP A 99 -24.14 43.70 -3.54
N ALA A 100 -23.74 42.44 -3.46
CA ALA A 100 -24.64 41.36 -3.09
C ALA A 100 -24.33 40.79 -1.72
N LYS A 101 -23.40 41.38 -0.98
CA LYS A 101 -23.01 40.81 0.30
C LYS A 101 -24.07 41.11 1.37
N GLY A 102 -24.15 40.22 2.35
CA GLY A 102 -25.15 40.35 3.41
C GLY A 102 -26.53 39.93 3.02
N GLN A 103 -26.70 39.24 1.89
CA GLN A 103 -28.02 38.86 1.40
C GLN A 103 -28.24 37.35 1.44
N GLY A 104 -27.40 36.61 2.15
CA GLY A 104 -27.56 35.18 2.27
C GLY A 104 -27.17 34.38 1.06
N ILE A 105 -26.47 35.00 0.10
CA ILE A 105 -26.09 34.32 -1.14
CA ILE A 105 -26.13 34.30 -1.13
C ILE A 105 -25.05 33.25 -0.88
N GLY A 106 -24.08 33.56 -0.01
CA GLY A 106 -23.06 32.59 0.33
C GLY A 106 -23.66 31.31 0.90
N LYS A 107 -24.67 31.45 1.75
CA LYS A 107 -25.29 30.27 2.35
CA LYS A 107 -25.28 30.26 2.34
C LYS A 107 -26.01 29.43 1.29
N LEU A 108 -26.73 30.09 0.36
CA LEU A 108 -27.39 29.33 -0.70
C LEU A 108 -26.37 28.57 -1.53
N LEU A 109 -25.26 29.22 -1.87
CA LEU A 109 -24.24 28.57 -2.69
C LEU A 109 -23.60 27.41 -1.95
N LEU A 110 -23.21 27.63 -0.69
CA LEU A 110 -22.47 26.61 0.05
C LEU A 110 -23.36 25.42 0.37
N ARG A 111 -24.64 25.67 0.70
CA ARG A 111 -25.54 24.56 0.93
C ARG A 111 -25.62 23.65 -0.30
N GLU A 112 -25.73 24.24 -1.49
CA GLU A 112 -25.84 23.43 -2.69
C GLU A 112 -24.50 22.76 -3.02
N LEU A 113 -23.38 23.47 -2.79
CA LEU A 113 -22.07 22.87 -3.02
C LEU A 113 -21.86 21.66 -2.11
N ILE A 114 -22.25 21.77 -0.84
CA ILE A 114 -22.18 20.64 0.09
C ILE A 114 -22.97 19.46 -0.46
N ALA A 115 -24.18 19.73 -0.96
CA ALA A 115 -25.01 18.66 -1.53
C ALA A 115 -24.31 17.99 -2.72
N ARG A 116 -23.72 18.78 -3.63
CA ARG A 116 -23.09 18.20 -4.80
CA ARG A 116 -23.09 18.21 -4.81
C ARG A 116 -21.84 17.41 -4.43
N ILE A 117 -21.03 17.94 -3.51
CA ILE A 117 -19.82 17.25 -3.09
C ILE A 117 -20.15 15.97 -2.33
N SER A 118 -21.20 16.01 -1.50
CA SER A 118 -21.64 14.80 -0.80
CA SER A 118 -21.64 14.80 -0.80
C SER A 118 -22.08 13.74 -1.79
N ALA A 119 -22.83 14.15 -2.83
CA ALA A 119 -23.31 13.18 -3.81
C ALA A 119 -22.17 12.50 -4.55
N LEU A 120 -21.02 13.17 -4.65
CA LEU A 120 -19.85 12.60 -5.32
C LEU A 120 -19.06 11.64 -4.43
N GLY A 121 -19.38 11.55 -3.15
CA GLY A 121 -18.76 10.56 -2.28
C GLY A 121 -17.59 11.04 -1.45
N PHE A 122 -17.34 12.34 -1.41
CA PHE A 122 -16.30 12.87 -0.55
C PHE A 122 -16.65 12.69 0.92
N ARG A 123 -15.61 12.67 1.76
CA ARG A 123 -15.79 12.45 3.19
C ARG A 123 -15.49 13.68 4.04
N GLN A 124 -14.75 14.65 3.52
CA GLN A 124 -14.48 15.89 4.24
C GLN A 124 -14.48 17.05 3.26
N LEU A 125 -15.05 18.18 3.67
CA LEU A 125 -14.99 19.41 2.90
C LEU A 125 -14.23 20.44 3.74
N LEU A 126 -13.17 21.00 3.15
CA LEU A 126 -12.25 21.88 3.87
C LEU A 126 -12.38 23.31 3.37
N ALA A 127 -12.43 24.26 4.29
CA ALA A 127 -12.36 25.68 3.96
C ALA A 127 -11.00 26.22 4.39
N VAL A 128 -10.29 26.86 3.46
CA VAL A 128 -8.99 27.47 3.72
C VAL A 128 -9.23 28.97 3.60
N ILE A 129 -9.49 29.62 4.72
CA ILE A 129 -10.02 30.98 4.75
C ILE A 129 -8.86 31.96 4.92
N GLY A 130 -8.58 32.73 3.88
CA GLY A 130 -7.53 33.72 3.97
C GLY A 130 -7.93 34.90 4.85
N ASP A 131 -6.95 35.45 5.56
CA ASP A 131 -7.15 36.58 6.47
C ASP A 131 -8.30 36.32 7.43
N GLY A 132 -8.24 35.18 8.12
CA GLY A 132 -9.33 34.76 9.00
C GLY A 132 -9.64 35.74 10.12
N GLU A 133 -8.68 36.56 10.53
CA GLU A 133 -8.96 37.52 11.59
C GLU A 133 -9.97 38.56 11.15
N HIS A 134 -9.89 39.00 9.89
CA HIS A 134 -10.77 40.05 9.39
C HIS A 134 -11.91 39.51 8.52
N ASN A 135 -11.78 38.31 7.96
CA ASN A 135 -12.77 37.70 7.10
CA ASN A 135 -12.84 37.80 7.10
C ASN A 135 -13.85 37.00 7.91
N ILE A 136 -14.45 37.72 8.87
CA ILE A 136 -15.44 37.10 9.75
C ILE A 136 -16.66 36.65 8.97
N GLY A 137 -16.97 37.31 7.86
CA GLY A 137 -18.09 36.88 7.04
C GLY A 137 -17.93 35.45 6.55
N SER A 138 -16.74 35.12 6.06
CA SER A 138 -16.50 33.76 5.58
C SER A 138 -16.47 32.76 6.72
N VAL A 139 -15.85 33.13 7.85
CA VAL A 139 -15.84 32.25 9.01
C VAL A 139 -17.27 31.98 9.49
N LYS A 140 -18.06 33.04 9.64
CA LYS A 140 -19.44 32.89 10.11
C LYS A 140 -20.28 32.08 9.13
N LEU A 141 -20.08 32.29 7.81
CA LEU A 141 -20.80 31.49 6.82
C LEU A 141 -20.53 30.01 7.01
N HIS A 142 -19.25 29.65 7.21
CA HIS A 142 -18.93 28.24 7.35
C HIS A 142 -19.41 27.70 8.69
N GLU A 143 -19.28 28.48 9.76
CA GLU A 143 -19.83 28.06 11.05
C GLU A 143 -21.32 27.78 10.95
N SER A 144 -22.05 28.64 10.25
CA SER A 144 -23.50 28.48 10.18
C SER A 144 -23.92 27.22 9.43
N LEU A 145 -23.06 26.69 8.56
CA LEU A 145 -23.35 25.46 7.83
C LEU A 145 -22.68 24.24 8.44
N GLY A 146 -22.20 24.34 9.67
CA GLY A 146 -21.75 23.18 10.42
C GLY A 146 -20.27 22.89 10.35
N PHE A 147 -19.48 23.72 9.68
CA PHE A 147 -18.04 23.51 9.68
C PHE A 147 -17.50 23.75 11.08
N THR A 148 -16.47 23.00 11.44
CA THR A 148 -15.79 23.18 12.72
C THR A 148 -14.37 23.68 12.49
N HIS A 149 -13.88 24.47 13.44
CA HIS A 149 -12.54 25.01 13.33
C HIS A 149 -11.51 23.90 13.48
N CYS A 150 -10.55 23.85 12.56
CA CYS A 150 -9.54 22.81 12.61
C CYS A 150 -8.12 23.34 12.41
N GLY A 151 -7.90 24.64 12.50
CA GLY A 151 -6.54 25.14 12.51
C GLY A 151 -6.47 26.61 12.16
N ARG A 152 -5.28 27.16 12.40
CA ARG A 152 -5.01 28.57 12.08
C ARG A 152 -3.51 28.68 11.84
N ILE A 153 -3.12 28.93 10.59
CA ILE A 153 -1.72 29.15 10.26
C ILE A 153 -1.47 30.64 10.38
N GLU A 154 -0.74 31.05 11.41
CA GLU A 154 -0.52 32.46 11.67
C GLU A 154 0.51 33.04 10.71
N GLY A 155 0.24 34.24 10.22
CA GLY A 155 1.21 34.92 9.38
C GLY A 155 1.49 34.21 8.08
N SER A 156 0.49 33.55 7.51
CA SER A 156 0.66 32.81 6.27
C SER A 156 0.74 33.71 5.03
N GLY A 157 0.17 34.91 5.10
CA GLY A 157 0.18 35.80 3.96
C GLY A 157 0.55 37.21 4.35
N PHE A 158 1.13 37.93 3.40
CA PHE A 158 1.34 39.37 3.55
C PHE A 158 0.76 40.04 2.32
N LYS A 159 -0.18 40.97 2.53
CA LYS A 159 -0.88 41.62 1.45
C LYS A 159 -1.44 42.93 1.98
N HIS A 160 -1.44 43.96 1.14
CA HIS A 160 -1.97 45.27 1.51
C HIS A 160 -1.33 45.78 2.81
N GLY A 161 -0.04 45.50 2.99
CA GLY A 161 0.70 45.99 4.12
C GLY A 161 0.43 45.30 5.45
N ARG A 162 -0.25 44.15 5.44
CA ARG A 162 -0.67 43.47 6.66
C ARG A 162 -0.33 41.99 6.60
N TRP A 163 0.08 41.44 7.74
CA TRP A 163 0.19 40.00 7.87
C TRP A 163 -1.19 39.39 8.08
N LEU A 164 -1.41 38.24 7.47
CA LEU A 164 -2.72 37.60 7.42
C LEU A 164 -2.58 36.17 7.95
N ASP A 165 -3.63 35.69 8.60
CA ASP A 165 -3.68 34.31 9.07
C ASP A 165 -4.62 33.51 8.19
N THR A 166 -4.34 32.21 8.04
CA THR A 166 -5.25 31.31 7.34
C THR A 166 -6.03 30.53 8.38
N VAL A 167 -7.35 30.65 8.37
CA VAL A 167 -8.23 29.88 9.24
C VAL A 167 -8.72 28.64 8.49
N LEU A 168 -8.52 27.47 9.09
CA LEU A 168 -8.96 26.22 8.48
C LEU A 168 -10.21 25.70 9.19
N MET A 169 -11.19 25.25 8.40
CA MET A 169 -12.42 24.67 8.94
C MET A 169 -12.80 23.45 8.11
N GLN A 170 -13.52 22.50 8.72
CA GLN A 170 -13.89 21.31 7.98
C GLN A 170 -15.29 20.83 8.34
N LEU A 171 -15.88 20.09 7.40
CA LEU A 171 -17.23 19.55 7.55
C LEU A 171 -17.17 18.08 7.11
N PRO A 172 -17.57 17.14 7.96
CA PRO A 172 -17.59 15.75 7.52
C PRO A 172 -18.79 15.48 6.64
N LEU A 173 -18.62 14.55 5.70
CA LEU A 173 -19.70 14.16 4.81
C LEU A 173 -19.71 12.64 4.68
N ASN A 174 -20.91 12.07 4.48
CA ASN A 174 -21.04 10.64 4.20
C ASN A 174 -20.44 9.78 5.31
N GLY A 175 -20.43 10.28 6.54
CA GLY A 175 -19.88 9.56 7.67
C GLY A 175 -18.47 9.96 8.06
N GLY A 176 -17.82 10.83 7.30
CA GLY A 176 -16.52 11.32 7.70
C GLY A 176 -15.49 10.20 7.74
N ARG A 177 -14.79 10.09 8.86
CA ARG A 177 -13.84 9.00 9.07
C ARG A 177 -14.39 7.91 9.99
N SER A 178 -15.71 7.83 10.14
CA SER A 178 -16.33 6.84 11.02
C SER A 178 -16.62 5.50 10.34
N THR A 179 -16.50 5.43 9.01
CA THR A 179 -16.67 4.19 8.28
C THR A 179 -15.57 4.09 7.23
N GLU A 180 -15.28 2.87 6.79
CA GLU A 180 -14.31 2.69 5.72
C GLU A 180 -14.85 3.33 4.44
N PRO A 181 -14.01 3.93 3.61
CA PRO A 181 -14.49 4.53 2.37
C PRO A 181 -14.75 3.47 1.31
N GLY A 182 -15.49 3.88 0.28
CA GLY A 182 -15.61 3.10 -0.93
C GLY A 182 -14.57 3.56 -1.93
N PRO A 183 -14.82 3.29 -3.21
CA PRO A 183 -13.91 3.79 -4.25
C PRO A 183 -13.76 5.29 -4.17
N SER A 184 -12.58 5.77 -4.53
CA SER A 184 -12.32 7.20 -4.42
C SER A 184 -13.27 7.96 -5.33
N PRO A 185 -13.74 9.14 -4.92
CA PRO A 185 -14.62 9.93 -5.80
C PRO A 185 -13.91 10.28 -7.09
N LEU A 186 -14.70 10.47 -8.14
CA LEU A 186 -14.21 10.99 -9.42
C LEU A 186 -13.24 10.03 -10.11
N SER A 187 -13.30 8.74 -9.78
CA SER A 187 -12.43 7.75 -10.40
C SER A 187 -13.20 6.93 -11.43
N MET B 9 29.46 9.96 13.13
CA MET B 9 28.42 10.97 13.16
C MET B 9 28.15 11.54 11.76
N PRO B 10 26.87 11.62 11.38
CA PRO B 10 26.54 12.01 10.01
C PRO B 10 26.80 13.48 9.75
N VAL B 11 27.10 13.80 8.49
CA VAL B 11 27.27 15.18 8.05
C VAL B 11 26.09 15.56 7.16
N ILE B 12 25.70 16.83 7.24
CA ILE B 12 24.62 17.39 6.44
C ILE B 12 25.24 18.20 5.31
N ARG B 13 24.84 17.93 4.08
CA ARG B 13 25.34 18.65 2.92
C ARG B 13 24.19 18.85 1.92
N ASP B 14 24.43 19.69 0.93
CA ASP B 14 23.49 19.85 -0.18
C ASP B 14 23.32 18.56 -0.95
N PHE B 15 22.08 18.27 -1.30
CA PHE B 15 21.77 17.26 -2.30
C PHE B 15 22.50 17.54 -3.60
N GLN B 16 22.98 16.47 -4.24
CA GLN B 16 23.54 16.52 -5.57
C GLN B 16 22.75 15.56 -6.45
N PRO B 17 22.62 15.84 -7.74
CA PRO B 17 21.89 14.91 -8.61
C PRO B 17 22.34 13.47 -8.47
N ALA B 18 23.63 13.24 -8.21
CA ALA B 18 24.16 11.90 -8.02
C ALA B 18 23.51 11.17 -6.87
N ASP B 19 22.81 11.87 -5.97
CA ASP B 19 22.14 11.27 -4.82
C ASP B 19 20.76 10.71 -5.18
N ILE B 20 20.29 10.88 -6.41
CA ILE B 20 18.88 10.62 -6.67
C ILE B 20 18.51 9.15 -6.50
N GLU B 21 19.45 8.23 -6.74
CA GLU B 21 19.12 6.82 -6.60
C GLU B 21 18.80 6.47 -5.15
N THR B 22 19.62 6.93 -4.21
CA THR B 22 19.36 6.65 -2.80
C THR B 22 18.11 7.38 -2.31
N ILE B 23 17.93 8.64 -2.72
CA ILE B 23 16.72 9.35 -2.35
CA ILE B 23 16.71 9.38 -2.37
C ILE B 23 15.48 8.60 -2.84
N THR B 24 15.53 8.07 -4.06
CA THR B 24 14.42 7.29 -4.58
C THR B 24 14.17 6.03 -3.75
N ALA B 25 15.25 5.34 -3.35
CA ALA B 25 15.06 4.15 -2.52
C ALA B 25 14.47 4.49 -1.17
N ILE B 26 14.91 5.60 -0.56
CA ILE B 26 14.37 6.02 0.73
C ILE B 26 12.90 6.37 0.60
N TYR B 27 12.55 7.16 -0.41
CA TYR B 27 11.16 7.56 -0.56
C TYR B 27 10.27 6.37 -0.93
N THR B 28 10.80 5.43 -1.72
CA THR B 28 10.04 4.23 -2.06
C THR B 28 9.62 3.49 -0.81
N GLN B 29 10.54 3.33 0.15
CA GLN B 29 10.18 2.66 1.40
C GLN B 29 9.18 3.48 2.20
N ALA B 30 9.32 4.79 2.21
CA ALA B 30 8.35 5.62 2.92
C ALA B 30 6.96 5.48 2.32
N VAL B 31 6.85 5.41 0.99
CA VAL B 31 5.55 5.26 0.35
C VAL B 31 4.94 3.89 0.68
N LEU B 32 5.75 2.84 0.58
CA LEU B 32 5.21 1.48 0.72
C LEU B 32 4.97 1.07 2.17
N THR B 33 5.71 1.65 3.13
CA THR B 33 5.63 1.18 4.51
C THR B 33 5.09 2.19 5.48
N GLY B 34 4.91 3.45 5.06
CA GLY B 34 4.56 4.51 5.98
C GLY B 34 3.36 5.33 5.51
N THR B 35 2.91 6.21 6.41
CA THR B 35 1.77 7.08 6.16
C THR B 35 2.14 8.56 6.30
N GLY B 36 3.42 8.88 6.38
CA GLY B 36 3.81 10.28 6.26
C GLY B 36 3.56 10.80 4.86
N SER B 37 3.93 10.00 3.85
CA SER B 37 3.57 10.28 2.47
C SER B 37 2.16 9.79 2.21
N TYR B 38 1.36 10.63 1.55
CA TYR B 38 0.02 10.28 1.09
C TYR B 38 0.02 9.74 -0.35
N GLU B 39 1.19 9.47 -0.93
CA GLU B 39 1.25 8.69 -2.16
C GLU B 39 1.10 7.21 -1.85
N ILE B 40 0.62 6.46 -2.85
CA ILE B 40 0.35 5.03 -2.71
C ILE B 40 1.35 4.19 -3.47
N GLU B 41 1.75 4.64 -4.67
CA GLU B 41 2.71 3.96 -5.52
C GLU B 41 4.01 4.76 -5.56
N PRO B 42 5.17 4.12 -5.42
CA PRO B 42 6.44 4.86 -5.43
C PRO B 42 6.71 5.46 -6.79
N PRO B 43 7.19 6.70 -6.84
CA PRO B 43 7.60 7.30 -8.13
C PRO B 43 8.87 6.67 -8.65
N THR B 44 9.09 6.83 -9.95
CA THR B 44 10.33 6.38 -10.56
C THR B 44 11.47 7.32 -10.18
N MET B 45 12.71 6.86 -10.44
CA MET B 45 13.86 7.71 -10.20
C MET B 45 13.81 8.97 -11.07
N ASP B 46 13.36 8.82 -12.33
CA ASP B 46 13.24 9.98 -13.20
C ASP B 46 12.23 10.98 -12.66
N GLU B 47 11.12 10.49 -12.11
CA GLU B 47 10.13 11.40 -11.53
C GLU B 47 10.68 12.12 -10.31
N MET B 48 11.42 11.41 -9.46
CA MET B 48 12.05 12.05 -8.31
C MET B 48 13.06 13.11 -8.76
N ALA B 49 13.84 12.80 -9.79
CA ALA B 49 14.80 13.76 -10.33
C ALA B 49 14.09 15.01 -10.83
N LYS B 50 12.94 14.82 -11.49
CA LYS B 50 12.17 15.95 -11.98
C LYS B 50 11.63 16.81 -10.83
N ARG B 51 11.09 16.16 -9.79
CA ARG B 51 10.56 16.91 -8.65
C ARG B 51 11.65 17.74 -7.99
N PHE B 52 12.82 17.13 -7.77
CA PHE B 52 13.91 17.82 -7.09
C PHE B 52 14.51 18.92 -7.96
N ALA B 53 14.61 18.69 -9.27
CA ALA B 53 15.05 19.75 -10.18
C ALA B 53 14.12 20.95 -10.11
N ALA B 54 12.82 20.70 -9.94
CA ALA B 54 11.85 21.79 -9.86
C ALA B 54 12.04 22.62 -8.59
N PHE B 55 12.23 21.94 -7.44
CA PHE B 55 12.50 22.65 -6.19
C PHE B 55 13.79 23.47 -6.30
N ALA B 56 14.82 22.88 -6.92
CA ALA B 56 16.08 23.58 -7.06
C ALA B 56 15.94 24.79 -7.97
N ASP B 57 15.20 24.65 -9.07
CA ASP B 57 14.98 25.77 -9.97
C ASP B 57 14.22 26.90 -9.27
N GLN B 58 13.37 26.56 -8.29
CA GLN B 58 12.68 27.58 -7.53
C GLN B 58 13.59 28.27 -6.53
N GLY B 59 14.73 27.67 -6.18
CA GLY B 59 15.64 28.24 -5.22
C GLY B 59 15.63 27.59 -3.85
N PHE B 60 14.88 26.50 -3.67
CA PHE B 60 14.73 25.95 -2.33
C PHE B 60 15.92 25.06 -1.96
N PRO B 61 16.28 25.02 -0.68
CA PRO B 61 17.35 24.12 -0.24
C PRO B 61 16.89 22.67 -0.23
N ILE B 62 17.81 21.78 -0.59
CA ILE B 62 17.60 20.34 -0.55
C ILE B 62 18.84 19.75 0.13
N LEU B 63 18.65 19.06 1.25
CA LEU B 63 19.74 18.60 2.09
C LEU B 63 19.72 17.09 2.21
N VAL B 64 20.92 16.50 2.38
CA VAL B 64 21.04 15.08 2.67
C VAL B 64 21.93 14.90 3.89
N ALA B 65 21.72 13.79 4.60
CA ALA B 65 22.59 13.35 5.69
C ALA B 65 23.39 12.17 5.19
N GLU B 66 24.71 12.21 5.40
CA GLU B 66 25.59 11.19 4.84
C GLU B 66 26.55 10.67 5.90
N ALA B 67 26.71 9.34 5.93
CA ALA B 67 27.73 8.70 6.75
C ALA B 67 28.16 7.42 6.04
N ASP B 68 29.47 7.15 6.07
CA ASP B 68 30.04 5.94 5.47
C ASP B 68 29.69 5.84 3.99
N GLY B 69 29.70 6.97 3.29
CA GLY B 69 29.43 6.98 1.87
C GLY B 69 28.00 6.75 1.47
N ARG B 70 27.06 6.67 2.42
CA ARG B 70 25.67 6.45 2.07
C ARG B 70 24.77 7.54 2.63
N VAL B 71 23.79 7.92 1.84
CA VAL B 71 22.80 8.91 2.27
C VAL B 71 21.79 8.22 3.19
N LEU B 72 21.59 8.78 4.38
CA LEU B 72 20.73 8.19 5.40
C LEU B 72 19.39 8.90 5.53
N GLY B 73 19.24 10.06 4.91
CA GLY B 73 17.97 10.78 4.96
C GLY B 73 18.12 12.04 4.13
N TYR B 74 16.98 12.68 3.89
CA TYR B 74 16.99 13.94 3.16
C TYR B 74 15.88 14.84 3.67
N ALA B 75 16.04 16.13 3.40
CA ALA B 75 15.02 17.12 3.75
C ALA B 75 15.02 18.21 2.70
N TYR B 76 13.86 18.79 2.44
CA TYR B 76 13.81 19.96 1.57
C TYR B 76 12.69 20.88 2.03
N ALA B 77 12.68 22.08 1.48
CA ALA B 77 11.58 23.01 1.66
C ALA B 77 10.96 23.30 0.31
N SER B 78 9.70 23.71 0.34
CA SER B 78 8.96 24.10 -0.86
C SER B 78 7.84 25.03 -0.42
N TYR B 79 7.05 25.50 -1.38
CA TYR B 79 5.91 26.35 -1.03
C TYR B 79 4.78 25.48 -0.50
N PHE B 80 4.09 26.00 0.53
CA PHE B 80 2.80 25.45 0.89
C PHE B 80 1.79 25.65 -0.22
N ARG B 81 1.62 26.91 -0.65
CA ARG B 81 0.82 27.30 -1.81
C ARG B 81 1.55 28.42 -2.53
N VAL B 82 1.24 28.60 -3.82
CA VAL B 82 2.08 29.42 -4.69
C VAL B 82 1.57 30.84 -4.92
N ARG B 83 0.35 31.17 -4.52
CA ARG B 83 -0.14 32.52 -4.75
C ARG B 83 0.76 33.53 -4.02
N PRO B 84 0.90 34.75 -4.56
CA PRO B 84 1.99 35.63 -4.10
C PRO B 84 1.96 36.02 -2.62
N ALA B 85 0.79 36.16 -2.00
CA ALA B 85 0.80 36.54 -0.59
C ALA B 85 1.43 35.49 0.31
N TYR B 86 1.52 34.25 -0.16
CA TYR B 86 2.12 33.14 0.58
C TYR B 86 3.63 33.07 0.44
N ARG B 87 4.29 34.02 -0.20
CA ARG B 87 5.69 33.85 -0.60
CA ARG B 87 5.68 33.79 -0.58
C ARG B 87 6.67 33.90 0.57
N TRP B 88 6.22 34.27 1.77
CA TRP B 88 7.09 34.20 2.94
C TRP B 88 6.85 32.93 3.77
N LEU B 89 6.05 32.00 3.25
CA LEU B 89 5.71 30.76 3.94
C LEU B 89 6.35 29.60 3.19
N ALA B 90 7.15 28.79 3.90
CA ALA B 90 7.72 27.57 3.34
C ALA B 90 7.22 26.37 4.12
N GLU B 91 7.28 25.19 3.49
CA GLU B 91 6.88 23.93 4.09
C GLU B 91 8.06 22.97 4.08
N ASP B 92 8.25 22.24 5.18
CA ASP B 92 9.36 21.30 5.28
C ASP B 92 8.92 19.86 5.00
N SER B 93 9.82 19.10 4.39
CA SER B 93 9.64 17.67 4.12
C SER B 93 10.90 16.93 4.56
N ILE B 94 10.74 15.79 5.25
CA ILE B 94 11.86 15.03 5.79
C ILE B 94 11.57 13.55 5.65
N TYR B 95 12.54 12.79 5.11
CA TYR B 95 12.45 11.34 5.00
C TYR B 95 13.76 10.69 5.41
N ILE B 96 13.68 9.61 6.21
CA ILE B 96 14.84 8.92 6.77
C ILE B 96 14.86 7.49 6.23
N ALA B 97 16.07 6.97 5.96
CA ALA B 97 16.22 5.60 5.51
C ALA B 97 15.73 4.64 6.60
N PRO B 98 15.16 3.50 6.21
CA PRO B 98 14.62 2.57 7.21
C PRO B 98 15.63 2.12 8.25
N ASP B 99 16.88 1.89 7.86
CA ASP B 99 17.85 1.40 8.84
C ASP B 99 18.46 2.51 9.68
N ALA B 100 18.09 3.76 9.45
CA ALA B 100 18.70 4.89 10.14
C ALA B 100 17.78 5.52 11.19
N LYS B 101 16.71 4.83 11.57
CA LYS B 101 15.79 5.37 12.57
C LYS B 101 16.44 5.35 13.96
N GLY B 102 15.99 6.28 14.81
CA GLY B 102 16.45 6.34 16.18
C GLY B 102 17.86 6.88 16.35
N GLN B 103 18.43 7.49 15.32
CA GLN B 103 19.79 8.02 15.38
C GLN B 103 19.83 9.53 15.45
N GLY B 104 18.68 10.20 15.46
CA GLY B 104 18.69 11.65 15.49
C GLY B 104 18.94 12.30 14.15
N ILE B 105 18.78 11.57 13.05
CA ILE B 105 19.07 12.12 11.73
CA ILE B 105 19.10 12.16 11.75
C ILE B 105 18.08 13.22 11.35
N GLY B 106 16.79 12.99 11.66
CA GLY B 106 15.80 13.99 11.34
C GLY B 106 16.09 15.33 11.99
N LYS B 107 16.56 15.30 13.25
CA LYS B 107 16.86 16.55 13.95
C LYS B 107 18.05 17.27 13.32
N LEU B 108 19.08 16.52 12.93
CA LEU B 108 20.21 17.13 12.22
C LEU B 108 19.75 17.80 10.94
N LEU B 109 18.88 17.13 10.17
CA LEU B 109 18.43 17.68 8.90
C LEU B 109 17.56 18.90 9.11
N LEU B 110 16.61 18.82 10.05
CA LEU B 110 15.66 19.91 10.23
C LEU B 110 16.34 21.14 10.81
N ARG B 111 17.28 20.94 11.73
CA ARG B 111 18.02 22.09 12.26
C ARG B 111 18.73 22.83 11.13
N GLU B 112 19.37 22.10 10.22
CA GLU B 112 20.06 22.75 9.12
C GLU B 112 19.07 23.37 8.13
N LEU B 113 17.94 22.69 7.88
CA LEU B 113 16.94 23.24 6.98
C LEU B 113 16.38 24.55 7.52
N ILE B 114 16.13 24.61 8.83
CA ILE B 114 15.67 25.86 9.45
C ILE B 114 16.67 26.98 9.19
N ALA B 115 17.96 26.70 9.36
CA ALA B 115 18.97 27.73 9.12
C ALA B 115 18.96 28.18 7.65
N ARG B 116 18.88 27.23 6.72
CA ARG B 116 18.94 27.60 5.30
CA ARG B 116 18.92 27.58 5.30
C ARG B 116 17.70 28.39 4.90
N ILE B 117 16.52 28.00 5.38
CA ILE B 117 15.32 28.71 5.01
CA ILE B 117 15.28 28.69 5.06
C ILE B 117 15.26 30.08 5.68
N SER B 118 15.78 30.20 6.91
CA SER B 118 15.89 31.50 7.54
CA SER B 118 15.89 31.50 7.54
C SER B 118 16.81 32.42 6.74
N ALA B 119 17.94 31.90 6.26
CA ALA B 119 18.86 32.72 5.49
C ALA B 119 18.23 33.25 4.20
N LEU B 120 17.24 32.53 3.66
CA LEU B 120 16.56 32.97 2.44
C LEU B 120 15.48 34.02 2.69
N GLY B 121 15.15 34.32 3.94
CA GLY B 121 14.23 35.41 4.25
C GLY B 121 12.80 35.01 4.55
N PHE B 122 12.50 33.72 4.63
CA PHE B 122 11.14 33.29 4.94
C PHE B 122 10.77 33.70 6.36
N ARG B 123 9.47 33.84 6.60
CA ARG B 123 8.97 34.23 7.91
C ARG B 123 8.26 33.11 8.66
N GLN B 124 7.82 32.06 7.99
CA GLN B 124 7.20 30.93 8.66
C GLN B 124 7.59 29.65 7.95
N LEU B 125 7.85 28.60 8.73
CA LEU B 125 8.10 27.26 8.22
C LEU B 125 6.99 26.34 8.73
N LEU B 126 6.30 25.67 7.80
CA LEU B 126 5.12 24.89 8.12
C LEU B 126 5.41 23.40 7.93
N ALA B 127 5.00 22.59 8.90
CA ALA B 127 5.03 21.13 8.76
C ALA B 127 3.61 20.64 8.55
N VAL B 128 3.41 19.83 7.51
CA VAL B 128 2.13 19.21 7.21
C VAL B 128 2.35 17.72 7.40
N ILE B 129 2.05 17.23 8.61
CA ILE B 129 2.47 15.91 9.07
C ILE B 129 1.34 14.92 8.80
N GLY B 130 1.56 14.02 7.85
CA GLY B 130 0.54 13.03 7.54
C GLY B 130 0.42 11.99 8.64
N ASP B 131 -0.81 11.55 8.88
CA ASP B 131 -1.11 10.55 9.91
C ASP B 131 -0.48 10.90 11.26
N GLY B 132 -0.82 12.10 11.74
CA GLY B 132 -0.19 12.61 12.95
C GLY B 132 -0.49 11.81 14.20
N GLU B 133 -1.60 11.07 14.23
CA GLU B 133 -1.91 10.23 15.39
C GLU B 133 -0.89 9.11 15.55
N HIS B 134 -0.43 8.54 14.43
CA HIS B 134 0.50 7.43 14.44
C HIS B 134 1.94 7.92 14.37
N ASN B 135 2.20 8.95 13.57
CA ASN B 135 3.56 9.41 13.33
C ASN B 135 4.00 10.42 14.39
N ILE B 136 3.99 9.93 15.63
CA ILE B 136 4.32 10.77 16.79
C ILE B 136 5.78 11.19 16.77
N GLY B 137 6.66 10.38 16.17
CA GLY B 137 8.05 10.75 16.07
C GLY B 137 8.26 12.03 15.30
N SER B 138 7.50 12.21 14.22
CA SER B 138 7.61 13.44 13.44
CA SER B 138 7.59 13.44 13.43
C SER B 138 7.06 14.64 14.21
N VAL B 139 5.95 14.44 14.91
CA VAL B 139 5.41 15.52 15.76
C VAL B 139 6.44 15.93 16.81
N LYS B 140 7.00 14.95 17.54
CA LYS B 140 7.97 15.24 18.59
C LYS B 140 9.22 15.92 18.04
N LEU B 141 9.69 15.47 16.87
CA LEU B 141 10.83 16.10 16.22
C LEU B 141 10.59 17.59 15.99
N HIS B 142 9.44 17.93 15.42
CA HIS B 142 9.12 19.33 15.18
C HIS B 142 8.96 20.10 16.49
N GLU B 143 8.31 19.50 17.48
CA GLU B 143 8.19 20.15 18.78
C GLU B 143 9.56 20.45 19.38
N SER B 144 10.51 19.52 19.20
CA SER B 144 11.83 19.67 19.80
C SER B 144 12.62 20.83 19.19
N LEU B 145 12.25 21.29 18.00
CA LEU B 145 12.93 22.41 17.36
C LEU B 145 12.09 23.68 17.34
N GLY B 146 11.10 23.77 18.23
CA GLY B 146 10.36 25.00 18.42
C GLY B 146 9.06 25.15 17.64
N PHE B 147 8.70 24.18 16.80
CA PHE B 147 7.41 24.29 16.11
C PHE B 147 6.28 24.21 17.11
N THR B 148 5.21 24.94 16.83
CA THR B 148 4.01 24.93 17.65
C THR B 148 2.84 24.37 16.86
N HIS B 149 1.91 23.74 17.56
CA HIS B 149 0.75 23.16 16.90
C HIS B 149 -0.17 24.26 16.38
N CYS B 150 -0.58 24.12 15.12
CA CYS B 150 -1.45 25.13 14.51
C CYS B 150 -2.62 24.50 13.73
N GLY B 151 -2.91 23.23 13.94
CA GLY B 151 -4.12 22.67 13.35
C GLY B 151 -4.05 21.17 13.22
N ARG B 152 -5.21 20.60 12.92
CA ARG B 152 -5.31 19.17 12.67
C ARG B 152 -6.53 18.94 11.77
N ILE B 153 -6.29 18.52 10.53
CA ILE B 153 -7.37 18.20 9.60
C ILE B 153 -7.69 16.72 9.81
N GLU B 154 -8.85 16.43 10.40
CA GLU B 154 -9.22 15.05 10.71
C GLU B 154 -9.68 14.33 9.46
N GLY B 155 -9.25 13.07 9.33
CA GLY B 155 -9.72 12.26 8.22
C GLY B 155 -9.32 12.79 6.87
N SER B 156 -8.15 13.42 6.77
CA SER B 156 -7.68 13.98 5.51
C SER B 156 -7.19 12.92 4.53
N GLY B 157 -6.80 11.75 5.02
CA GLY B 157 -6.28 10.71 4.16
C GLY B 157 -6.79 9.34 4.55
N PHE B 158 -6.83 8.45 3.57
CA PHE B 158 -7.07 7.03 3.84
C PHE B 158 -5.97 6.25 3.14
N LYS B 159 -5.20 5.50 3.92
CA LYS B 159 -4.08 4.75 3.35
C LYS B 159 -3.74 3.62 4.30
N HIS B 160 -3.33 2.48 3.74
CA HIS B 160 -2.89 1.33 4.53
C HIS B 160 -3.94 0.94 5.56
N GLY B 161 -5.20 0.99 5.14
CA GLY B 161 -6.29 0.41 5.89
C GLY B 161 -6.93 1.29 6.94
N ARG B 162 -6.56 2.57 7.05
CA ARG B 162 -7.21 3.39 8.06
CA ARG B 162 -7.17 3.39 8.08
C ARG B 162 -7.23 4.86 7.67
N TRP B 163 -8.13 5.59 8.31
CA TRP B 163 -8.20 7.02 8.15
C TRP B 163 -7.05 7.69 8.89
N LEU B 164 -6.56 8.79 8.31
CA LEU B 164 -5.39 9.51 8.80
C LEU B 164 -5.74 10.98 9.02
N ASP B 165 -5.16 11.56 10.06
CA ASP B 165 -5.29 12.99 10.35
C ASP B 165 -4.01 13.70 9.93
N THR B 166 -4.13 14.93 9.43
CA THR B 166 -2.98 15.76 9.14
C THR B 166 -2.75 16.70 10.32
N VAL B 167 -1.56 16.64 10.91
CA VAL B 167 -1.19 17.55 12.00
C VAL B 167 -0.35 18.67 11.41
N LEU B 168 -0.77 19.91 11.66
CA LEU B 168 -0.07 21.09 11.16
C LEU B 168 0.70 21.75 12.30
N MET B 169 1.93 22.14 12.02
CA MET B 169 2.77 22.85 12.98
C MET B 169 3.54 23.95 12.27
N GLN B 170 3.90 25.01 12.99
CA GLN B 170 4.65 26.08 12.35
C GLN B 170 5.72 26.65 13.27
N LEU B 171 6.73 27.23 12.64
CA LEU B 171 7.86 27.85 13.33
C LEU B 171 8.08 29.23 12.73
N PRO B 172 8.05 30.29 13.52
CA PRO B 172 8.35 31.61 12.97
C PRO B 172 9.85 31.78 12.75
N LEU B 173 10.20 32.58 11.74
CA LEU B 173 11.60 32.86 11.42
C LEU B 173 11.74 34.34 11.10
N ASN B 174 12.93 34.88 11.36
CA ASN B 174 13.23 36.28 11.02
C ASN B 174 12.18 37.25 11.55
N GLY B 175 11.63 36.95 12.73
CA GLY B 175 10.63 37.81 13.34
C GLY B 175 9.19 37.43 13.05
N GLY B 176 8.94 36.43 12.19
CA GLY B 176 7.58 35.97 11.99
C GLY B 176 6.69 37.07 11.41
N ARG B 177 5.56 37.33 12.06
CA ARG B 177 4.68 38.41 11.64
C ARG B 177 4.85 39.69 12.46
N SER B 178 5.97 39.84 13.16
CA SER B 178 6.14 40.99 14.04
C SER B 178 6.77 42.19 13.36
N THR B 179 7.26 42.04 12.13
CA THR B 179 7.79 43.16 11.35
C THR B 179 7.31 43.08 9.92
N GLU B 180 7.22 44.25 9.26
CA GLU B 180 6.94 44.25 7.84
C GLU B 180 8.12 43.62 7.09
N PRO B 181 7.86 42.80 6.08
CA PRO B 181 8.94 42.15 5.34
C PRO B 181 9.49 43.05 4.26
N GLY B 182 10.65 42.64 3.72
CA GLY B 182 11.18 43.18 2.48
C GLY B 182 10.63 42.41 1.30
N PRO B 183 11.29 42.48 0.15
CA PRO B 183 10.84 41.72 -1.02
C PRO B 183 10.76 40.23 -0.72
N SER B 184 9.89 39.55 -1.44
CA SER B 184 9.65 38.14 -1.13
C SER B 184 10.92 37.32 -1.38
N PRO B 185 11.12 36.25 -0.61
CA PRO B 185 12.27 35.37 -0.83
C PRO B 185 12.28 34.82 -2.25
N LEU B 186 13.47 34.52 -2.75
CA LEU B 186 13.64 33.83 -4.02
C LEU B 186 13.17 34.66 -5.21
N SER B 187 13.08 35.98 -5.05
CA SER B 187 12.66 36.86 -6.14
C SER B 187 13.86 37.48 -6.83
N MET C 9 -30.16 -9.37 -9.54
CA MET C 9 -29.69 -10.66 -9.04
C MET C 9 -28.45 -11.10 -9.81
N PRO C 10 -27.32 -11.13 -9.12
CA PRO C 10 -26.07 -11.49 -9.79
C PRO C 10 -26.10 -12.93 -10.29
N VAL C 11 -25.39 -13.15 -11.39
CA VAL C 11 -25.24 -14.48 -11.96
CA VAL C 11 -25.24 -14.49 -11.95
C VAL C 11 -23.75 -14.80 -12.08
N ILE C 12 -23.43 -16.08 -11.99
CA ILE C 12 -22.06 -16.57 -12.14
C ILE C 12 -21.95 -17.24 -13.50
N ARG C 13 -20.88 -16.91 -14.23
CA ARG C 13 -20.62 -17.54 -15.52
C ARG C 13 -19.11 -17.67 -15.69
N ASP C 14 -18.70 -18.28 -16.80
CA ASP C 14 -17.27 -18.35 -17.11
C ASP C 14 -16.73 -16.99 -17.53
N PHE C 15 -15.46 -16.77 -17.18
CA PHE C 15 -14.71 -15.62 -17.68
C PHE C 15 -14.76 -15.55 -19.20
N GLN C 16 -14.96 -14.35 -19.74
CA GLN C 16 -15.02 -14.09 -21.16
C GLN C 16 -14.08 -12.93 -21.49
N PRO C 17 -13.60 -12.82 -22.73
CA PRO C 17 -12.53 -11.83 -23.01
C PRO C 17 -12.89 -10.38 -22.73
N ALA C 18 -14.15 -9.96 -22.94
CA ALA C 18 -14.52 -8.57 -22.64
C ALA C 18 -14.47 -8.24 -21.17
N ASP C 19 -14.32 -9.24 -20.30
CA ASP C 19 -14.24 -9.03 -18.86
C ASP C 19 -12.87 -8.55 -18.39
N ILE C 20 -11.85 -8.58 -19.26
CA ILE C 20 -10.48 -8.42 -18.79
C ILE C 20 -10.23 -7.01 -18.24
N GLU C 21 -10.84 -5.98 -18.82
CA GLU C 21 -10.61 -4.63 -18.30
C GLU C 21 -11.10 -4.49 -16.87
N THR C 22 -12.32 -4.93 -16.59
CA THR C 22 -12.85 -4.80 -15.23
C THR C 22 -12.08 -5.68 -14.26
N ILE C 23 -11.74 -6.89 -14.66
CA ILE C 23 -10.97 -7.77 -13.78
C ILE C 23 -9.63 -7.15 -13.44
N THR C 24 -8.95 -6.55 -14.43
CA THR C 24 -7.69 -5.88 -14.16
C THR C 24 -7.88 -4.71 -13.21
N ALA C 25 -8.97 -3.96 -13.37
CA ALA C 25 -9.22 -2.84 -12.45
C ALA C 25 -9.51 -3.33 -11.03
N ILE C 26 -10.28 -4.40 -10.89
CA ILE C 26 -10.54 -4.99 -9.57
C ILE C 26 -9.24 -5.42 -8.92
N TYR C 27 -8.42 -6.18 -9.67
CA TYR C 27 -7.19 -6.69 -9.06
C TYR C 27 -6.19 -5.58 -8.76
N THR C 28 -6.13 -4.56 -9.63
CA THR C 28 -5.25 -3.42 -9.36
C THR C 28 -5.54 -2.81 -8.00
N GLN C 29 -6.82 -2.58 -7.70
CA GLN C 29 -7.15 -2.01 -6.40
C GLN C 29 -6.86 -2.98 -5.26
N ALA C 30 -7.08 -4.27 -5.48
CA ALA C 30 -6.75 -5.25 -4.45
C ALA C 30 -5.25 -5.24 -4.15
N VAL C 31 -4.42 -5.11 -5.18
CA VAL C 31 -2.97 -5.06 -4.98
C VAL C 31 -2.56 -3.78 -4.25
N LEU C 32 -3.11 -2.64 -4.67
CA LEU C 32 -2.70 -1.37 -4.10
C LEU C 32 -3.15 -1.22 -2.65
N THR C 33 -4.43 -1.51 -2.37
CA THR C 33 -5.00 -1.11 -1.09
C THR C 33 -5.35 -2.25 -0.17
N GLY C 34 -5.24 -3.49 -0.63
CA GLY C 34 -5.54 -4.65 0.18
C GLY C 34 -4.31 -5.46 0.50
N THR C 35 -4.50 -6.40 1.43
CA THR C 35 -3.43 -7.28 1.90
C THR C 35 -3.79 -8.75 1.71
N GLY C 36 -4.87 -9.05 1.01
CA GLY C 36 -5.12 -10.43 0.61
C GLY C 36 -4.14 -10.90 -0.46
N SER C 37 -3.86 -10.03 -1.44
CA SER C 37 -2.79 -10.27 -2.41
C SER C 37 -1.45 -9.85 -1.83
N TYR C 38 -0.45 -10.72 -1.99
CA TYR C 38 0.91 -10.44 -1.56
C TYR C 38 1.76 -9.85 -2.68
N GLU C 39 1.14 -9.47 -3.80
CA GLU C 39 1.81 -8.63 -4.80
C GLU C 39 1.80 -7.17 -4.35
N ILE C 40 2.76 -6.40 -4.87
CA ILE C 40 2.91 -4.99 -4.54
C ILE C 40 2.64 -4.09 -5.74
N GLU C 41 3.13 -4.48 -6.92
CA GLU C 41 2.93 -3.74 -8.16
C GLU C 41 1.79 -4.37 -8.94
N PRO C 42 0.76 -3.63 -9.31
CA PRO C 42 -0.35 -4.24 -10.06
C PRO C 42 0.12 -4.79 -11.39
N PRO C 43 -0.31 -5.98 -11.77
CA PRO C 43 -0.02 -6.48 -13.12
C PRO C 43 -0.72 -5.63 -14.18
N THR C 44 -0.11 -5.60 -15.36
CA THR C 44 -0.76 -5.00 -16.50
C THR C 44 -1.94 -5.88 -16.95
N MET C 45 -2.81 -5.30 -17.78
CA MET C 45 -3.88 -6.06 -18.36
C MET C 45 -3.36 -7.25 -19.17
N ASP C 46 -2.31 -7.04 -19.97
CA ASP C 46 -1.72 -8.14 -20.73
C ASP C 46 -1.21 -9.25 -19.81
N GLU C 47 -0.62 -8.88 -18.68
CA GLU C 47 -0.17 -9.90 -17.73
C GLU C 47 -1.35 -10.66 -17.13
N MET C 48 -2.43 -9.96 -16.79
CA MET C 48 -3.63 -10.64 -16.29
C MET C 48 -4.18 -11.62 -17.32
N ALA C 49 -4.24 -11.18 -18.59
CA ALA C 49 -4.72 -12.06 -19.65
C ALA C 49 -3.82 -13.28 -19.79
N LYS C 50 -2.51 -13.08 -19.67
CA LYS C 50 -1.57 -14.20 -19.75
C LYS C 50 -1.78 -15.19 -18.62
N ARG C 51 -1.98 -14.69 -17.40
CA ARG C 51 -2.19 -15.60 -16.26
C ARG C 51 -3.44 -16.43 -16.45
N PHE C 52 -4.53 -15.79 -16.89
CA PHE C 52 -5.78 -16.51 -17.09
C PHE C 52 -5.66 -17.53 -18.22
N ALA C 53 -4.96 -17.18 -19.29
CA ALA C 53 -4.76 -18.15 -20.37
C ALA C 53 -4.00 -19.36 -19.87
N ALA C 54 -3.03 -19.16 -18.98
CA ALA C 54 -2.29 -20.30 -18.42
C ALA C 54 -3.19 -21.18 -17.57
N PHE C 55 -4.03 -20.59 -16.72
CA PHE C 55 -4.96 -21.40 -15.92
C PHE C 55 -5.90 -22.18 -16.82
N ALA C 56 -6.43 -21.53 -17.86
CA ALA C 56 -7.37 -22.20 -18.75
C ALA C 56 -6.69 -23.34 -19.50
N ASP C 57 -5.45 -23.12 -19.94
CA ASP C 57 -4.68 -24.16 -20.61
C ASP C 57 -4.49 -25.38 -19.73
N GLN C 58 -4.35 -25.16 -18.41
CA GLN C 58 -4.23 -26.26 -17.47
CA GLN C 58 -4.23 -26.26 -17.48
C GLN C 58 -5.55 -26.97 -17.23
N GLY C 59 -6.67 -26.34 -17.58
CA GLY C 59 -7.99 -26.91 -17.36
C GLY C 59 -8.76 -26.35 -16.18
N PHE C 60 -8.25 -25.27 -15.52
CA PHE C 60 -8.94 -24.78 -14.34
C PHE C 60 -10.06 -23.81 -14.72
N PRO C 61 -11.11 -23.76 -13.91
CA PRO C 61 -12.19 -22.81 -14.17
C PRO C 61 -11.80 -21.40 -13.74
N ILE C 62 -12.30 -20.43 -14.50
CA ILE C 62 -12.21 -19.02 -14.15
C ILE C 62 -13.62 -18.47 -14.26
N LEU C 63 -14.14 -17.94 -13.16
CA LEU C 63 -15.53 -17.55 -13.05
C LEU C 63 -15.64 -16.05 -12.79
N VAL C 64 -16.75 -15.47 -13.26
CA VAL C 64 -17.04 -14.07 -12.98
CA VAL C 64 -17.05 -14.06 -13.04
C VAL C 64 -18.47 -13.94 -12.50
N ALA C 65 -18.70 -12.95 -11.65
CA ALA C 65 -20.03 -12.57 -11.20
C ALA C 65 -20.43 -11.30 -11.92
N GLU C 66 -21.67 -11.28 -12.42
CA GLU C 66 -22.13 -10.12 -13.17
CA GLU C 66 -22.17 -10.16 -13.22
C GLU C 66 -23.56 -9.76 -12.78
N ALA C 67 -23.82 -8.45 -12.78
CA ALA C 67 -25.16 -7.91 -12.56
C ALA C 67 -25.26 -6.64 -13.38
N ASP C 68 -26.39 -6.48 -14.07
CA ASP C 68 -26.61 -5.36 -14.99
C ASP C 68 -25.56 -5.33 -16.11
N GLY C 69 -25.00 -6.50 -16.46
CA GLY C 69 -23.95 -6.59 -17.45
C GLY C 69 -22.57 -6.18 -16.97
N ARG C 70 -22.41 -5.83 -15.69
CA ARG C 70 -21.14 -5.39 -15.13
C ARG C 70 -20.54 -6.47 -14.26
N VAL C 71 -19.23 -6.66 -14.37
CA VAL C 71 -18.53 -7.67 -13.59
C VAL C 71 -18.29 -7.15 -12.18
N LEU C 72 -18.73 -7.92 -11.19
CA LEU C 72 -18.65 -7.54 -9.79
C LEU C 72 -17.58 -8.31 -9.02
N GLY C 73 -16.96 -9.30 -9.61
CA GLY C 73 -15.94 -10.08 -8.93
C GLY C 73 -15.58 -11.26 -9.80
N TYR C 74 -14.50 -11.94 -9.41
CA TYR C 74 -14.06 -13.12 -10.16
C TYR C 74 -13.42 -14.11 -9.20
N ALA C 75 -13.30 -15.35 -9.67
CA ALA C 75 -12.69 -16.40 -8.88
C ALA C 75 -12.03 -17.39 -9.82
N TYR C 76 -11.00 -18.07 -9.33
CA TYR C 76 -10.40 -19.14 -10.11
C TYR C 76 -9.79 -20.17 -9.17
N ALA C 77 -9.39 -21.29 -9.75
CA ALA C 77 -8.64 -22.29 -9.00
C ALA C 77 -7.34 -22.57 -9.74
N SER C 78 -6.36 -23.08 -8.99
CA SER C 78 -5.07 -23.45 -9.55
C SER C 78 -4.47 -24.51 -8.62
N TYR C 79 -3.28 -24.99 -8.98
CA TYR C 79 -2.58 -25.92 -8.09
C TYR C 79 -1.96 -25.18 -6.91
N PHE C 80 -1.99 -25.84 -5.74
CA PHE C 80 -1.17 -25.39 -4.61
C PHE C 80 0.29 -25.57 -4.93
N ARG C 81 0.68 -26.79 -5.29
CA ARG C 81 2.02 -27.13 -5.76
C ARG C 81 1.88 -28.17 -6.87
N VAL C 82 2.92 -28.28 -7.70
CA VAL C 82 2.77 -28.99 -8.98
C VAL C 82 3.32 -30.41 -9.00
N ARG C 83 4.01 -30.85 -7.96
CA ARG C 83 4.54 -32.21 -7.95
CA ARG C 83 4.53 -32.20 -7.98
C ARG C 83 3.39 -33.22 -7.99
N PRO C 84 3.60 -34.40 -8.60
CA PRO C 84 2.47 -35.29 -8.92
C PRO C 84 1.58 -35.75 -7.77
N ALA C 85 2.12 -35.98 -6.58
CA ALA C 85 1.24 -36.43 -5.49
C ALA C 85 0.22 -35.37 -5.09
N TYR C 86 0.44 -34.10 -5.44
CA TYR C 86 -0.47 -33.01 -5.13
C TYR C 86 -1.61 -32.85 -6.13
N ARG C 87 -1.75 -33.76 -7.10
CA ARG C 87 -2.63 -33.50 -8.24
C ARG C 87 -4.12 -33.54 -7.91
N TRP C 88 -4.49 -33.99 -6.71
CA TRP C 88 -5.89 -33.95 -6.28
C TRP C 88 -6.18 -32.77 -5.36
N LEU C 89 -5.24 -31.84 -5.23
CA LEU C 89 -5.36 -30.66 -4.39
C LEU C 89 -5.41 -29.41 -5.25
N ALA C 90 -6.46 -28.62 -5.09
CA ALA C 90 -6.60 -27.33 -5.77
C ALA C 90 -6.69 -26.21 -4.74
N GLU C 91 -6.41 -24.98 -5.20
CA GLU C 91 -6.41 -23.80 -4.35
C GLU C 91 -7.34 -22.75 -4.97
N ASP C 92 -8.17 -22.10 -4.14
CA ASP C 92 -9.10 -21.09 -4.65
C ASP C 92 -8.58 -19.67 -4.46
N SER C 93 -8.98 -18.78 -5.37
CA SER C 93 -8.67 -17.34 -5.32
C SER C 93 -9.94 -16.57 -5.66
N ILE C 94 -10.25 -15.52 -4.90
CA ILE C 94 -11.51 -14.79 -5.06
C ILE C 94 -11.23 -13.30 -4.84
N TYR C 95 -11.71 -12.47 -5.77
CA TYR C 95 -11.60 -11.01 -5.66
C TYR C 95 -12.94 -10.36 -5.99
N ILE C 96 -13.41 -9.48 -5.10
CA ILE C 96 -14.70 -8.81 -5.25
C ILE C 96 -14.45 -7.34 -5.55
N ALA C 97 -15.26 -6.79 -6.45
CA ALA C 97 -15.16 -5.37 -6.76
C ALA C 97 -15.46 -4.54 -5.52
N PRO C 98 -14.74 -3.45 -5.29
CA PRO C 98 -14.92 -2.68 -4.05
C PRO C 98 -16.25 -1.98 -3.93
N ASP C 99 -16.97 -1.78 -5.03
CA ASP C 99 -18.32 -1.24 -4.94
C ASP C 99 -19.38 -2.31 -4.85
N ALA C 100 -18.99 -3.58 -4.71
CA ALA C 100 -19.94 -4.69 -4.66
C ALA C 100 -19.95 -5.39 -3.30
N LYS C 101 -19.46 -4.74 -2.25
CA LYS C 101 -19.44 -5.35 -0.93
C LYS C 101 -20.86 -5.48 -0.38
N GLY C 102 -21.06 -6.54 0.41
CA GLY C 102 -22.35 -6.76 1.06
C GLY C 102 -23.42 -7.34 0.17
N GLN C 103 -23.07 -7.75 -1.05
CA GLN C 103 -24.03 -8.33 -1.99
C GLN C 103 -23.96 -9.85 -2.06
N GLY C 104 -23.09 -10.49 -1.28
CA GLY C 104 -22.99 -11.93 -1.32
C GLY C 104 -22.27 -12.48 -2.54
N ILE C 105 -21.48 -11.65 -3.23
CA ILE C 105 -20.83 -12.08 -4.46
C ILE C 105 -19.80 -13.16 -4.19
N GLY C 106 -19.01 -13.01 -3.11
CA GLY C 106 -18.02 -14.02 -2.78
C GLY C 106 -18.63 -15.39 -2.57
N LYS C 107 -19.77 -15.45 -1.87
CA LYS C 107 -20.42 -16.74 -1.64
C LYS C 107 -20.94 -17.34 -2.93
N LEU C 108 -21.53 -16.51 -3.80
CA LEU C 108 -21.99 -17.01 -5.10
C LEU C 108 -20.84 -17.58 -5.91
N LEU C 109 -19.72 -16.86 -5.95
CA LEU C 109 -18.55 -17.32 -6.72
C LEU C 109 -17.97 -18.60 -6.13
N LEU C 110 -17.79 -18.64 -4.82
CA LEU C 110 -17.14 -19.79 -4.21
C LEU C 110 -18.02 -21.02 -4.28
N ARG C 111 -19.34 -20.86 -4.10
CA ARG C 111 -20.23 -22.01 -4.26
C ARG C 111 -20.09 -22.62 -5.65
N GLU C 112 -20.06 -21.78 -6.68
CA GLU C 112 -19.93 -22.30 -8.04
C GLU C 112 -18.55 -22.88 -8.29
N LEU C 113 -17.50 -22.23 -7.76
CA LEU C 113 -16.15 -22.76 -7.92
C LEU C 113 -16.02 -24.13 -7.29
N ILE C 114 -16.59 -24.33 -6.09
CA ILE C 114 -16.61 -25.64 -5.45
C ILE C 114 -17.23 -26.67 -6.38
N ALA C 115 -18.38 -26.34 -6.99
CA ALA C 115 -19.02 -27.29 -7.91
C ALA C 115 -18.13 -27.61 -9.09
N ARG C 116 -17.51 -26.59 -9.71
CA ARG C 116 -16.68 -26.84 -10.89
CA ARG C 116 -16.68 -26.82 -10.89
C ARG C 116 -15.46 -27.67 -10.54
N ILE C 117 -14.82 -27.39 -9.40
CA ILE C 117 -13.63 -28.13 -8.99
C ILE C 117 -13.99 -29.56 -8.62
N SER C 118 -15.12 -29.75 -7.92
CA SER C 118 -15.59 -31.09 -7.60
CA SER C 118 -15.58 -31.09 -7.61
C SER C 118 -15.84 -31.89 -8.89
N ALA C 119 -16.40 -31.23 -9.91
CA ALA C 119 -16.69 -31.94 -11.16
C ALA C 119 -15.42 -32.39 -11.88
N LEU C 120 -14.29 -31.74 -11.62
CA LEU C 120 -13.02 -32.13 -12.23
C LEU C 120 -12.33 -33.26 -11.51
N GLY C 121 -12.84 -33.69 -10.35
CA GLY C 121 -12.32 -34.85 -9.65
C GLY C 121 -11.35 -34.55 -8.51
N PHE C 122 -11.17 -33.28 -8.16
CA PHE C 122 -10.30 -32.96 -7.04
C PHE C 122 -10.87 -33.48 -5.73
N ARG C 123 -9.98 -33.66 -4.75
CA ARG C 123 -10.36 -34.19 -3.45
C ARG C 123 -10.25 -33.18 -2.32
N GLN C 124 -9.50 -32.09 -2.51
CA GLN C 124 -9.36 -31.07 -1.48
C GLN C 124 -9.24 -29.72 -2.17
N LEU C 125 -9.90 -28.72 -1.61
CA LEU C 125 -9.80 -27.34 -2.07
C LEU C 125 -9.23 -26.52 -0.92
N LEU C 126 -8.09 -25.86 -1.17
CA LEU C 126 -7.36 -25.12 -0.16
C LEU C 126 -7.52 -23.61 -0.36
N ALA C 127 -7.77 -22.88 0.71
CA ALA C 127 -7.71 -21.43 0.70
C ALA C 127 -6.44 -20.99 1.43
N VAL C 128 -5.66 -20.13 0.77
CA VAL C 128 -4.45 -19.55 1.36
C VAL C 128 -4.75 -18.06 1.51
N ILE C 129 -5.18 -17.66 2.71
CA ILE C 129 -5.77 -16.35 2.94
C ILE C 129 -4.71 -15.40 3.47
N GLY C 130 -4.36 -14.39 2.67
CA GLY C 130 -3.37 -13.43 3.09
C GLY C 130 -3.92 -12.51 4.17
N ASP C 131 -3.04 -12.16 5.12
CA ASP C 131 -3.37 -11.26 6.22
C ASP C 131 -4.67 -11.67 6.90
N GLY C 132 -4.70 -12.92 7.36
CA GLY C 132 -5.94 -13.47 7.93
C GLY C 132 -6.43 -12.79 9.19
N GLU C 133 -5.54 -12.13 9.93
CA GLU C 133 -5.97 -11.38 11.12
C GLU C 133 -6.91 -10.26 10.72
N HIS C 134 -6.61 -9.56 9.62
CA HIS C 134 -7.36 -8.41 9.16
C HIS C 134 -8.47 -8.79 8.20
N ASN C 135 -8.23 -9.76 7.33
CA ASN C 135 -9.19 -10.11 6.28
C ASN C 135 -10.18 -11.16 6.78
N ILE C 136 -10.91 -10.75 7.82
CA ILE C 136 -11.90 -11.62 8.48
CA ILE C 136 -11.86 -11.68 8.45
C ILE C 136 -13.02 -12.00 7.52
N GLY C 137 -13.37 -11.09 6.61
CA GLY C 137 -14.45 -11.39 5.68
C GLY C 137 -14.14 -12.60 4.83
N SER C 138 -12.88 -12.73 4.40
CA SER C 138 -12.50 -13.90 3.61
CA SER C 138 -12.48 -13.89 3.61
C SER C 138 -12.55 -15.16 4.45
N VAL C 139 -12.10 -15.10 5.70
CA VAL C 139 -12.14 -16.28 6.56
C VAL C 139 -13.59 -16.69 6.79
N LYS C 140 -14.46 -15.72 7.11
CA LYS C 140 -15.87 -16.04 7.36
CA LYS C 140 -15.86 -16.04 7.36
C LYS C 140 -16.55 -16.57 6.10
N LEU C 141 -16.21 -16.02 4.93
CA LEU C 141 -16.73 -16.55 3.68
C LEU C 141 -16.44 -18.03 3.54
N HIS C 142 -15.18 -18.42 3.75
CA HIS C 142 -14.82 -19.83 3.60
C HIS C 142 -15.47 -20.68 4.67
N GLU C 143 -15.55 -20.17 5.91
CA GLU C 143 -16.26 -20.90 6.96
C GLU C 143 -17.71 -21.17 6.56
N SER C 144 -18.35 -20.19 5.92
CA SER C 144 -19.77 -20.32 5.61
C SER C 144 -20.05 -21.39 4.57
N LEU C 145 -19.04 -21.80 3.80
CA LEU C 145 -19.20 -22.86 2.82
C LEU C 145 -18.51 -24.15 3.22
N GLY C 146 -18.21 -24.32 4.51
CA GLY C 146 -17.75 -25.59 5.04
C GLY C 146 -16.26 -25.79 5.14
N PHE C 147 -15.46 -24.80 4.75
CA PHE C 147 -14.02 -24.93 4.94
C PHE C 147 -13.71 -24.99 6.43
N THR C 148 -12.68 -25.77 6.76
CA THR C 148 -12.20 -25.88 8.13
C THR C 148 -10.79 -25.31 8.23
N HIS C 149 -10.46 -24.77 9.40
CA HIS C 149 -9.14 -24.20 9.60
C HIS C 149 -8.08 -25.30 9.63
N CYS C 150 -7.00 -25.10 8.87
CA CYS C 150 -5.95 -26.11 8.82
C CYS C 150 -4.55 -25.52 8.94
N GLY C 151 -4.41 -24.27 9.36
CA GLY C 151 -3.09 -23.75 9.64
C GLY C 151 -3.06 -22.23 9.67
N ARG C 152 -1.97 -21.72 10.22
CA ARG C 152 -1.72 -20.27 10.19
C ARG C 152 -0.21 -20.07 10.19
N ILE C 153 0.34 -19.55 9.10
CA ILE C 153 1.76 -19.24 9.04
C ILE C 153 1.93 -17.81 9.54
N GLU C 154 2.49 -17.65 10.73
CA GLU C 154 2.62 -16.33 11.33
C GLU C 154 3.74 -15.54 10.67
N GLY C 155 3.48 -14.27 10.42
CA GLY C 155 4.52 -13.40 9.89
C GLY C 155 5.03 -13.80 8.53
N SER C 156 4.16 -14.39 7.71
CA SER C 156 4.52 -14.87 6.39
C SER C 156 4.67 -13.73 5.39
N GLY C 157 4.00 -12.60 5.61
CA GLY C 157 4.05 -11.50 4.67
C GLY C 157 4.37 -10.19 5.38
N PHE C 158 4.92 -9.27 4.60
CA PHE C 158 5.14 -7.90 5.06
C PHE C 158 4.66 -6.98 3.95
N LYS C 159 3.64 -6.18 4.24
CA LYS C 159 3.03 -5.28 3.26
C LYS C 159 2.33 -4.18 4.02
N HIS C 160 2.26 -2.99 3.42
CA HIS C 160 1.64 -1.83 4.08
C HIS C 160 2.31 -1.52 5.41
N GLY C 161 3.59 -1.86 5.53
CA GLY C 161 4.35 -1.57 6.72
C GLY C 161 4.02 -2.42 7.93
N ARG C 162 3.39 -3.58 7.74
CA ARG C 162 3.09 -4.44 8.87
C ARG C 162 3.22 -5.90 8.49
N TRP C 163 3.47 -6.72 9.51
CA TRP C 163 3.53 -8.17 9.34
C TRP C 163 2.13 -8.76 9.20
N LEU C 164 2.03 -9.78 8.36
CA LEU C 164 0.78 -10.44 7.99
C LEU C 164 0.90 -11.93 8.25
N ASP C 165 -0.18 -12.55 8.70
CA ASP C 165 -0.26 -13.99 8.86
C ASP C 165 -1.06 -14.58 7.70
N THR C 166 -0.69 -15.78 7.27
CA THR C 166 -1.42 -16.51 6.24
C THR C 166 -2.30 -17.54 6.94
N VAL C 167 -3.60 -17.46 6.73
CA VAL C 167 -4.56 -18.40 7.29
C VAL C 167 -4.89 -19.44 6.23
N LEU C 168 -4.73 -20.71 6.57
CA LEU C 168 -5.02 -21.81 5.66
C LEU C 168 -6.31 -22.50 6.06
N MET C 169 -7.16 -22.81 5.07
CA MET C 169 -8.40 -23.54 5.31
C MET C 169 -8.60 -24.53 4.16
N GLN C 170 -9.32 -25.61 4.43
CA GLN C 170 -9.54 -26.60 3.38
C GLN C 170 -10.95 -27.17 3.44
N LEU C 171 -11.39 -27.69 2.29
CA LEU C 171 -12.70 -28.29 2.12
C LEU C 171 -12.53 -29.59 1.35
N PRO C 172 -12.98 -30.72 1.90
CA PRO C 172 -12.90 -31.98 1.17
C PRO C 172 -13.94 -32.02 0.07
N LEU C 173 -13.60 -32.70 -1.03
CA LEU C 173 -14.51 -32.88 -2.15
C LEU C 173 -14.46 -34.34 -2.60
N ASN C 174 -15.58 -34.84 -3.12
CA ASN C 174 -15.61 -36.18 -3.70
C ASN C 174 -15.15 -37.26 -2.72
N GLY C 175 -15.41 -37.06 -1.43
CA GLY C 175 -15.00 -38.02 -0.42
C GLY C 175 -13.68 -37.72 0.25
N GLY C 176 -12.95 -36.70 -0.18
CA GLY C 176 -11.72 -36.31 0.51
C GLY C 176 -10.69 -37.43 0.48
N ARG C 177 -10.19 -37.79 1.66
CA ARG C 177 -9.24 -38.89 1.79
C ARG C 177 -9.91 -40.19 2.22
N SER C 178 -11.24 -40.29 2.12
CA SER C 178 -11.94 -41.47 2.61
C SER C 178 -12.04 -42.60 1.58
N THR C 179 -11.64 -42.36 0.33
CA THR C 179 -11.61 -43.42 -0.69
C THR C 179 -10.36 -43.25 -1.53
N GLU C 180 -9.88 -44.36 -2.07
CA GLU C 180 -8.78 -44.29 -3.02
C GLU C 180 -9.27 -43.59 -4.29
N PRO C 181 -8.46 -42.75 -4.90
CA PRO C 181 -8.91 -42.00 -6.07
C PRO C 181 -8.73 -42.81 -7.36
N GLY C 182 -9.29 -42.26 -8.44
CA GLY C 182 -9.01 -42.72 -9.77
C GLY C 182 -7.88 -41.92 -10.39
N PRO C 183 -7.88 -41.79 -11.72
CA PRO C 183 -6.82 -41.01 -12.37
C PRO C 183 -6.85 -39.57 -11.89
N SER C 184 -5.69 -38.95 -11.86
CA SER C 184 -5.59 -37.60 -11.35
C SER C 184 -6.39 -36.64 -12.24
N PRO C 185 -6.97 -35.60 -11.66
CA PRO C 185 -7.74 -34.64 -12.44
C PRO C 185 -6.88 -34.00 -13.53
N LEU C 186 -7.53 -33.56 -14.60
CA LEU C 186 -6.91 -32.78 -15.65
C LEU C 186 -5.83 -33.55 -16.41
N SER C 187 -5.86 -34.87 -16.37
CA SER C 187 -4.85 -35.66 -17.06
C SER C 187 -5.43 -36.21 -18.37
N MET D 9 33.21 -38.22 12.88
CA MET D 9 33.29 -36.76 12.88
C MET D 9 32.72 -36.15 11.60
N PRO D 10 31.40 -36.07 11.50
CA PRO D 10 30.80 -35.49 10.29
C PRO D 10 31.00 -33.99 10.26
N VAL D 11 31.19 -33.47 9.05
CA VAL D 11 31.36 -32.04 8.85
CA VAL D 11 31.37 -32.04 8.84
C VAL D 11 30.27 -31.52 7.91
N ILE D 12 29.85 -30.29 8.14
CA ILE D 12 28.93 -29.59 7.26
C ILE D 12 29.75 -28.64 6.39
N ARG D 13 29.49 -28.64 5.09
CA ARG D 13 30.17 -27.74 4.17
C ARG D 13 29.22 -27.33 3.05
N ASP D 14 29.61 -26.32 2.28
CA ASP D 14 28.85 -25.92 1.11
C ASP D 14 28.82 -27.04 0.09
N PHE D 15 27.66 -27.22 -0.53
CA PHE D 15 27.51 -28.05 -1.72
C PHE D 15 28.47 -27.59 -2.81
N GLN D 16 29.03 -28.56 -3.54
CA GLN D 16 29.79 -28.36 -4.75
C GLN D 16 29.18 -29.22 -5.84
N PRO D 17 29.30 -28.83 -7.12
CA PRO D 17 28.73 -29.66 -8.19
C PRO D 17 29.19 -31.13 -8.13
N ALA D 18 30.39 -31.39 -7.63
CA ALA D 18 30.87 -32.75 -7.44
C ALA D 18 29.92 -33.61 -6.61
N ASP D 19 29.07 -32.98 -5.80
CA ASP D 19 28.19 -33.72 -4.89
C ASP D 19 26.90 -34.20 -5.55
N ILE D 20 26.64 -33.82 -6.80
CA ILE D 20 25.34 -34.09 -7.40
C ILE D 20 25.08 -35.60 -7.51
N GLU D 21 26.10 -36.38 -7.80
CA GLU D 21 25.89 -37.82 -7.95
C GLU D 21 25.32 -38.43 -6.68
N THR D 22 25.95 -38.17 -5.54
CA THR D 22 25.46 -38.75 -4.29
C THR D 22 24.12 -38.13 -3.89
N ILE D 23 23.97 -36.82 -4.07
CA ILE D 23 22.69 -36.18 -3.76
C ILE D 23 21.57 -36.81 -4.57
N THR D 24 21.80 -37.06 -5.86
CA THR D 24 20.78 -37.71 -6.68
C THR D 24 20.45 -39.10 -6.18
N ALA D 25 21.47 -39.86 -5.76
CA ALA D 25 21.22 -41.20 -5.21
C ALA D 25 20.39 -41.13 -3.94
N ILE D 26 20.71 -40.21 -3.03
CA ILE D 26 19.94 -40.04 -1.80
C ILE D 26 18.49 -39.70 -2.13
N TYR D 27 18.30 -38.71 -3.00
CA TYR D 27 16.94 -38.28 -3.33
C TYR D 27 16.18 -39.39 -4.07
N THR D 28 16.86 -40.13 -4.93
CA THR D 28 16.22 -41.24 -5.63
C THR D 28 15.62 -42.23 -4.64
N GLN D 29 16.38 -42.61 -3.61
CA GLN D 29 15.85 -43.52 -2.60
C GLN D 29 14.67 -42.91 -1.86
N ALA D 30 14.74 -41.61 -1.56
CA ALA D 30 13.63 -40.97 -0.87
C ALA D 30 12.38 -40.96 -1.75
N VAL D 31 12.54 -40.72 -3.05
CA VAL D 31 11.40 -40.69 -3.95
C VAL D 31 10.78 -42.08 -4.07
N LEU D 32 11.61 -43.11 -4.24
CA LEU D 32 11.09 -44.44 -4.53
C LEU D 32 10.54 -45.12 -3.28
N THR D 33 11.18 -44.91 -2.12
CA THR D 33 10.81 -45.64 -0.92
C THR D 33 10.10 -44.80 0.13
N GLY D 34 10.05 -43.47 -0.02
CA GLY D 34 9.52 -42.60 1.01
C GLY D 34 8.33 -41.79 0.53
N THR D 35 7.70 -41.11 1.49
CA THR D 35 6.58 -40.23 1.19
C THR D 35 6.81 -38.80 1.66
N GLY D 36 8.02 -38.45 2.08
CA GLY D 36 8.33 -37.04 2.30
C GLY D 36 8.35 -36.27 1.00
N SER D 37 8.88 -36.87 -0.06
CA SER D 37 8.82 -36.27 -1.37
C SER D 37 7.49 -36.62 -2.04
N TYR D 38 6.87 -35.61 -2.64
CA TYR D 38 5.65 -35.81 -3.42
C TYR D 38 5.94 -36.03 -4.90
N GLU D 39 7.21 -36.23 -5.27
CA GLU D 39 7.53 -36.74 -6.60
C GLU D 39 7.41 -38.26 -6.61
N ILE D 40 7.20 -38.81 -7.81
CA ILE D 40 7.00 -40.23 -8.00
CA ILE D 40 7.01 -40.24 -7.99
C ILE D 40 8.14 -40.86 -8.80
N GLU D 41 8.60 -40.16 -9.85
CA GLU D 41 9.73 -40.61 -10.67
C GLU D 41 10.98 -39.88 -10.22
N PRO D 42 12.07 -40.56 -9.87
CA PRO D 42 13.30 -39.87 -9.46
C PRO D 42 13.85 -39.01 -10.58
N PRO D 43 14.24 -37.77 -10.28
CA PRO D 43 14.92 -36.95 -11.27
C PRO D 43 16.30 -37.52 -11.62
N THR D 44 16.76 -37.23 -12.83
CA THR D 44 18.13 -37.55 -13.22
C THR D 44 19.13 -36.60 -12.53
N MET D 45 20.40 -37.01 -12.55
CA MET D 45 21.46 -36.10 -12.13
C MET D 45 21.40 -34.79 -12.92
N ASP D 46 21.12 -34.89 -14.22
CA ASP D 46 21.04 -33.69 -15.05
C ASP D 46 20.00 -32.73 -14.50
N GLU D 47 18.83 -33.26 -14.13
CA GLU D 47 17.75 -32.42 -13.60
C GLU D 47 18.12 -31.88 -12.21
N MET D 48 18.70 -32.72 -11.35
CA MET D 48 19.12 -32.24 -10.03
C MET D 48 20.14 -31.11 -10.16
N ALA D 49 21.10 -31.26 -11.07
CA ALA D 49 22.09 -30.20 -11.26
C ALA D 49 21.43 -28.90 -11.68
N LYS D 50 20.44 -28.98 -12.56
CA LYS D 50 19.72 -27.78 -12.99
C LYS D 50 18.97 -27.15 -11.81
N ARG D 51 18.30 -27.97 -11.00
CA ARG D 51 17.57 -27.45 -9.86
C ARG D 51 18.49 -26.72 -8.89
N PHE D 52 19.64 -27.34 -8.57
CA PHE D 52 20.55 -26.74 -7.59
C PHE D 52 21.22 -25.50 -8.14
N ALA D 53 21.52 -25.47 -9.45
CA ALA D 53 22.07 -24.27 -10.06
C ALA D 53 21.09 -23.10 -9.94
N ALA D 54 19.79 -23.39 -10.05
CA ALA D 54 18.79 -22.32 -9.96
C ALA D 54 18.69 -21.78 -8.53
N PHE D 55 18.71 -22.65 -7.52
CA PHE D 55 18.74 -22.18 -6.13
C PHE D 55 19.98 -21.32 -5.88
N ALA D 56 21.14 -21.76 -6.38
CA ALA D 56 22.37 -20.99 -6.18
C ALA D 56 22.29 -19.65 -6.90
N ASP D 57 21.71 -19.62 -8.10
CA ASP D 57 21.57 -18.34 -8.82
C ASP D 57 20.71 -17.36 -8.03
N GLN D 58 19.69 -17.87 -7.34
CA GLN D 58 18.86 -17.00 -6.51
C GLN D 58 19.58 -16.54 -5.25
N GLY D 59 20.65 -17.23 -4.85
CA GLY D 59 21.43 -16.87 -3.69
C GLY D 59 21.19 -17.72 -2.46
N PHE D 60 20.45 -18.82 -2.58
CA PHE D 60 20.13 -19.60 -1.40
C PHE D 60 21.29 -20.55 -1.04
N PRO D 61 21.48 -20.81 0.24
CA PRO D 61 22.53 -21.75 0.67
C PRO D 61 22.13 -23.19 0.39
N ILE D 62 23.14 -23.99 0.02
CA ILE D 62 23.00 -25.42 -0.22
C ILE D 62 24.15 -26.09 0.52
N LEU D 63 23.81 -27.00 1.44
CA LEU D 63 24.79 -27.60 2.34
C LEU D 63 24.76 -29.11 2.25
N VAL D 64 25.89 -29.74 2.55
CA VAL D 64 25.98 -31.19 2.65
C VAL D 64 26.62 -31.57 3.97
N ALA D 65 26.30 -32.78 4.44
CA ALA D 65 27.00 -33.41 5.55
C ALA D 65 27.90 -34.49 4.97
N GLU D 66 29.16 -34.53 5.41
CA GLU D 66 30.15 -35.43 4.85
CA GLU D 66 30.16 -35.42 4.86
C GLU D 66 30.92 -36.10 5.98
N ALA D 67 31.15 -37.41 5.84
CA ALA D 67 31.98 -38.14 6.79
C ALA D 67 32.71 -39.22 6.01
N ASP D 68 34.01 -39.37 6.30
CA ASP D 68 34.86 -40.35 5.62
C ASP D 68 34.79 -40.21 4.10
N GLY D 69 34.72 -38.96 3.63
CA GLY D 69 34.67 -38.69 2.21
C GLY D 69 33.34 -38.98 1.53
N ARG D 70 32.30 -39.30 2.27
CA ARG D 70 30.99 -39.64 1.68
C ARG D 70 29.96 -38.61 2.11
N VAL D 71 29.16 -38.14 1.15
CA VAL D 71 28.04 -37.24 1.47
C VAL D 71 26.93 -38.07 2.09
N LEU D 72 26.52 -37.69 3.29
CA LEU D 72 25.49 -38.40 4.06
C LEU D 72 24.12 -37.76 3.95
N GLY D 73 24.04 -36.53 3.47
CA GLY D 73 22.77 -35.83 3.42
C GLY D 73 23.00 -34.44 2.89
N TYR D 74 21.90 -33.75 2.58
CA TYR D 74 21.99 -32.42 2.00
C TYR D 74 20.79 -31.61 2.46
N ALA D 75 20.94 -30.30 2.41
CA ALA D 75 19.86 -29.40 2.79
C ALA D 75 19.97 -28.11 2.02
N TYR D 76 18.83 -27.49 1.73
CA TYR D 76 18.86 -26.20 1.07
C TYR D 76 17.67 -25.38 1.52
N ALA D 77 17.74 -24.07 1.27
CA ALA D 77 16.62 -23.16 1.46
C ALA D 77 16.13 -22.68 0.11
N SER D 78 14.86 -22.27 0.06
CA SER D 78 14.25 -21.69 -1.13
C SER D 78 13.06 -20.85 -0.69
N TYR D 79 12.40 -20.22 -1.65
CA TYR D 79 11.17 -19.49 -1.33
C TYR D 79 10.02 -20.46 -1.15
N PHE D 80 9.15 -20.16 -0.18
CA PHE D 80 7.84 -20.80 -0.13
C PHE D 80 7.01 -20.39 -1.33
N ARG D 81 6.84 -19.07 -1.52
CA ARG D 81 6.17 -18.46 -2.66
C ARG D 81 6.92 -17.19 -3.03
N VAL D 82 6.78 -16.77 -4.30
CA VAL D 82 7.68 -15.75 -4.84
C VAL D 82 7.11 -14.34 -4.87
N ARG D 83 5.83 -14.15 -4.58
CA ARG D 83 5.33 -12.78 -4.58
CA ARG D 83 5.29 -12.79 -4.55
C ARG D 83 6.02 -11.95 -3.50
N PRO D 84 6.18 -10.65 -3.73
CA PRO D 84 7.12 -9.86 -2.92
C PRO D 84 6.80 -9.78 -1.43
N ALA D 85 5.54 -9.81 -1.01
CA ALA D 85 5.31 -9.74 0.44
C ALA D 85 5.87 -10.95 1.19
N TYR D 86 6.13 -12.07 0.49
CA TYR D 86 6.71 -13.28 1.08
C TYR D 86 8.25 -13.26 1.17
N ARG D 87 8.91 -12.14 0.83
CA ARG D 87 10.36 -12.16 0.62
C ARG D 87 11.17 -12.39 1.89
N TRP D 88 10.57 -12.30 3.08
CA TRP D 88 11.27 -12.61 4.31
C TRP D 88 10.96 -14.00 4.84
N LEU D 89 10.30 -14.83 4.02
CA LEU D 89 9.92 -16.19 4.37
C LEU D 89 10.73 -17.14 3.50
N ALA D 90 11.48 -18.05 4.15
CA ALA D 90 12.18 -19.11 3.44
C ALA D 90 11.62 -20.47 3.86
N GLU D 91 11.87 -21.46 3.02
CA GLU D 91 11.48 -22.84 3.27
C GLU D 91 12.72 -23.72 3.30
N ASP D 92 12.76 -24.70 4.20
CA ASP D 92 13.90 -25.62 4.27
C ASP D 92 13.55 -26.98 3.70
N SER D 93 14.53 -27.60 3.02
CA SER D 93 14.44 -28.97 2.53
C SER D 93 15.68 -29.72 2.99
N ILE D 94 15.49 -30.96 3.44
CA ILE D 94 16.61 -31.73 3.96
C ILE D 94 16.34 -33.21 3.73
N TYR D 95 17.34 -33.92 3.23
CA TYR D 95 17.27 -35.37 3.04
C TYR D 95 18.54 -36.01 3.55
N ILE D 96 18.40 -37.08 4.31
CA ILE D 96 19.51 -37.85 4.88
C ILE D 96 19.51 -39.25 4.28
N ALA D 97 20.69 -39.78 3.98
CA ALA D 97 20.79 -41.15 3.49
C ALA D 97 20.23 -42.11 4.53
N PRO D 98 19.53 -43.17 4.11
CA PRO D 98 18.88 -44.05 5.10
C PRO D 98 19.83 -44.62 6.14
N ASP D 99 21.04 -45.02 5.74
CA ASP D 99 21.96 -45.61 6.70
C ASP D 99 22.58 -44.58 7.63
N ALA D 100 22.31 -43.29 7.41
CA ALA D 100 22.86 -42.23 8.24
C ALA D 100 21.85 -41.64 9.21
N LYS D 101 20.61 -42.16 9.22
CA LYS D 101 19.57 -41.60 10.08
C LYS D 101 19.70 -42.10 11.51
N GLY D 102 19.07 -41.38 12.42
CA GLY D 102 19.11 -41.73 13.83
C GLY D 102 20.41 -41.39 14.52
N GLN D 103 21.26 -40.57 13.90
CA GLN D 103 22.61 -40.31 14.40
C GLN D 103 22.87 -38.83 14.63
N GLY D 104 21.83 -37.99 14.53
CA GLY D 104 22.00 -36.57 14.71
C GLY D 104 22.52 -35.82 13.49
N ILE D 105 22.63 -36.48 12.33
CA ILE D 105 23.13 -35.79 11.14
C ILE D 105 22.14 -34.75 10.67
N GLY D 106 20.85 -35.06 10.69
CA GLY D 106 19.85 -34.06 10.32
C GLY D 106 19.97 -32.80 11.14
N LYS D 107 20.17 -32.94 12.45
CA LYS D 107 20.23 -31.75 13.29
C LYS D 107 21.48 -30.95 13.02
N LEU D 108 22.60 -31.63 12.84
CA LEU D 108 23.84 -30.93 12.55
C LEU D 108 23.71 -30.13 11.26
N LEU D 109 23.12 -30.75 10.24
CA LEU D 109 22.99 -30.10 8.94
C LEU D 109 21.96 -28.97 8.99
N LEU D 110 20.78 -29.23 9.58
CA LEU D 110 19.74 -28.20 9.66
C LEU D 110 20.17 -27.01 10.56
N ARG D 111 20.91 -27.28 11.63
CA ARG D 111 21.38 -26.18 12.47
C ARG D 111 22.21 -25.19 11.65
N GLU D 112 23.10 -25.70 10.79
CA GLU D 112 23.92 -24.81 9.98
C GLU D 112 23.10 -24.12 8.89
N LEU D 113 22.11 -24.80 8.33
CA LEU D 113 21.24 -24.15 7.35
C LEU D 113 20.50 -22.98 8.00
N ILE D 114 20.00 -23.19 9.22
CA ILE D 114 19.33 -22.13 9.96
C ILE D 114 20.25 -20.92 10.11
N ALA D 115 21.51 -21.17 10.49
CA ALA D 115 22.45 -20.06 10.66
C ALA D 115 22.66 -19.32 9.34
N ARG D 116 22.79 -20.06 8.22
CA ARG D 116 23.03 -19.40 6.94
CA ARG D 116 23.02 -19.41 6.93
C ARG D 116 21.81 -18.59 6.50
N ILE D 117 20.61 -19.15 6.66
N ILE D 117 20.60 -19.12 6.69
CA ILE D 117 19.38 -18.44 6.29
CA ILE D 117 19.43 -18.38 6.22
C ILE D 117 19.23 -17.19 7.13
C ILE D 117 19.11 -17.21 7.16
N SER D 118 19.46 -17.32 8.44
CA SER D 118 19.36 -16.18 9.36
CA SER D 118 19.34 -16.17 9.34
C SER D 118 20.31 -15.06 8.94
N ALA D 119 21.53 -15.42 8.55
CA ALA D 119 22.51 -14.41 8.17
C ALA D 119 22.09 -13.63 6.93
N LEU D 120 21.19 -14.18 6.12
CA LEU D 120 20.70 -13.50 4.92
C LEU D 120 19.55 -12.55 5.20
N GLY D 121 19.03 -12.49 6.43
CA GLY D 121 18.00 -11.54 6.79
C GLY D 121 16.57 -12.04 6.77
N PHE D 122 16.37 -13.34 6.54
CA PHE D 122 15.02 -13.89 6.59
C PHE D 122 14.46 -13.82 8.01
N ARG D 123 13.13 -13.78 8.11
CA ARG D 123 12.45 -13.67 9.40
C ARG D 123 11.65 -14.91 9.80
N GLN D 124 11.32 -15.78 8.86
CA GLN D 124 10.65 -17.04 9.19
C GLN D 124 11.21 -18.13 8.30
N LEU D 125 11.37 -19.32 8.87
CA LEU D 125 11.76 -20.51 8.13
C LEU D 125 10.64 -21.54 8.26
N LEU D 126 10.13 -22.00 7.11
CA LEU D 126 8.97 -22.87 7.05
C LEU D 126 9.42 -24.26 6.61
N ALA D 127 8.93 -25.29 7.32
CA ALA D 127 9.08 -26.68 6.90
C ALA D 127 7.74 -27.17 6.38
N VAL D 128 7.74 -27.72 5.17
CA VAL D 128 6.55 -28.28 4.53
C VAL D 128 6.80 -29.78 4.46
N ILE D 129 6.30 -30.51 5.45
CA ILE D 129 6.71 -31.89 5.70
C ILE D 129 5.66 -32.82 5.08
N GLY D 130 6.05 -33.51 4.00
CA GLY D 130 5.14 -34.45 3.36
C GLY D 130 4.90 -35.68 4.21
N ASP D 131 3.67 -36.20 4.15
CA ASP D 131 3.25 -37.39 4.90
C ASP D 131 3.60 -37.25 6.38
N GLY D 132 3.12 -36.16 6.98
CA GLY D 132 3.51 -35.81 8.33
C GLY D 132 3.09 -36.80 9.40
N GLU D 133 2.02 -37.55 9.17
CA GLU D 133 1.58 -38.53 10.16
C GLU D 133 2.59 -39.65 10.32
N HIS D 134 3.30 -40.01 9.25
CA HIS D 134 4.26 -41.10 9.31
C HIS D 134 5.71 -40.65 9.27
N ASN D 135 5.98 -39.43 8.81
CA ASN D 135 7.31 -38.83 8.74
CA ASN D 135 7.35 -38.94 8.78
C ASN D 135 7.69 -38.23 10.09
N ILE D 136 7.56 -39.02 11.17
CA ILE D 136 7.84 -38.53 12.51
CA ILE D 136 7.83 -38.52 12.51
C ILE D 136 9.29 -38.12 12.66
N GLY D 137 10.19 -38.77 11.93
CA GLY D 137 11.60 -38.39 12.02
C GLY D 137 11.82 -36.95 11.59
N SER D 138 11.14 -36.52 10.54
CA SER D 138 11.29 -35.13 10.09
C SER D 138 10.65 -34.16 11.07
N VAL D 139 9.46 -34.50 11.58
CA VAL D 139 8.80 -33.65 12.56
C VAL D 139 9.68 -33.48 13.79
N LYS D 140 10.21 -34.58 14.31
CA LYS D 140 11.04 -34.52 15.51
C LYS D 140 12.34 -33.77 15.26
N LEU D 141 12.92 -33.93 14.07
CA LEU D 141 14.10 -33.13 13.72
C LEU D 141 13.80 -31.64 13.81
N HIS D 142 12.68 -31.22 13.23
CA HIS D 142 12.35 -29.80 13.25
C HIS D 142 12.01 -29.33 14.66
N GLU D 143 11.29 -30.14 15.44
CA GLU D 143 11.04 -29.77 16.83
C GLU D 143 12.33 -29.62 17.61
N SER D 144 13.35 -30.44 17.31
CA SER D 144 14.60 -30.40 18.06
C SER D 144 15.38 -29.12 17.84
N LEU D 145 15.03 -28.34 16.80
CA LEU D 145 15.68 -27.07 16.52
C LEU D 145 14.74 -25.88 16.71
N GLY D 146 13.63 -26.08 17.42
CA GLY D 146 12.79 -24.98 17.82
C GLY D 146 11.62 -24.67 16.90
N PHE D 147 11.44 -25.41 15.81
CA PHE D 147 10.25 -25.20 14.99
C PHE D 147 9.00 -25.54 15.78
N THR D 148 7.93 -24.78 15.50
CA THR D 148 6.63 -25.00 16.13
C THR D 148 5.60 -25.37 15.06
N HIS D 149 4.61 -26.15 15.47
CA HIS D 149 3.56 -26.56 14.53
C HIS D 149 2.69 -25.38 14.14
N CYS D 150 2.46 -25.23 12.83
CA CYS D 150 1.63 -24.12 12.35
C CYS D 150 0.62 -24.56 11.30
N GLY D 151 0.35 -25.85 11.15
CA GLY D 151 -0.72 -26.27 10.27
C GLY D 151 -0.57 -27.70 9.83
N ARG D 152 -1.65 -28.21 9.22
CA ARG D 152 -1.66 -29.56 8.68
C ARG D 152 -2.71 -29.60 7.59
N ILE D 153 -2.28 -29.73 6.34
CA ILE D 153 -3.22 -29.86 5.22
C ILE D 153 -3.50 -31.34 5.06
N GLU D 154 -4.73 -31.75 5.37
CA GLU D 154 -5.06 -33.16 5.37
C GLU D 154 -5.31 -33.64 3.95
N GLY D 155 -4.82 -34.85 3.65
CA GLY D 155 -5.06 -35.44 2.34
C GLY D 155 -4.53 -34.63 1.18
N SER D 156 -3.38 -33.98 1.36
CA SER D 156 -2.80 -33.14 0.32
C SER D 156 -2.09 -33.95 -0.76
N GLY D 157 -1.71 -35.19 -0.47
CA GLY D 157 -0.99 -36.00 -1.43
C GLY D 157 -1.53 -37.41 -1.49
N PHE D 158 -1.40 -38.04 -2.66
CA PHE D 158 -1.68 -39.46 -2.81
C PHE D 158 -0.48 -40.11 -3.48
N LYS D 159 0.11 -41.09 -2.81
CA LYS D 159 1.33 -41.72 -3.29
C LYS D 159 1.43 -43.10 -2.67
N HIS D 160 1.89 -44.07 -3.45
CA HIS D 160 2.07 -45.44 -2.95
C HIS D 160 0.77 -46.00 -2.38
N GLY D 161 -0.36 -45.66 -2.99
CA GLY D 161 -1.64 -46.17 -2.54
C GLY D 161 -2.19 -45.57 -1.27
N ARG D 162 -1.62 -44.46 -0.76
CA ARG D 162 -2.00 -43.88 0.51
C ARG D 162 -2.22 -42.38 0.38
N TRP D 163 -3.23 -41.87 1.09
CA TRP D 163 -3.39 -40.44 1.28
C TRP D 163 -2.41 -39.94 2.33
N LEU D 164 -1.86 -38.75 2.09
CA LEU D 164 -0.80 -38.17 2.89
C LEU D 164 -1.21 -36.78 3.34
N ASP D 165 -0.80 -36.40 4.56
CA ASP D 165 -1.02 -35.06 5.09
C ASP D 165 0.28 -34.27 5.01
N THR D 166 0.15 -32.96 4.82
CA THR D 166 1.30 -32.05 4.84
C THR D 166 1.31 -31.38 6.20
N VAL D 167 2.39 -31.57 6.96
CA VAL D 167 2.55 -30.92 8.25
C VAL D 167 3.41 -29.68 8.05
N LEU D 168 2.93 -28.53 8.53
CA LEU D 168 3.65 -27.27 8.41
C LEU D 168 4.21 -26.88 9.76
N MET D 169 5.47 -26.47 9.79
CA MET D 169 6.12 -25.98 11.00
C MET D 169 6.91 -24.74 10.65
N GLN D 170 7.14 -23.87 11.64
CA GLN D 170 7.89 -22.65 11.35
C GLN D 170 8.81 -22.28 12.51
N LEU D 171 9.85 -21.53 12.18
CA LEU D 171 10.85 -21.07 13.13
C LEU D 171 11.10 -19.59 12.87
N PRO D 172 10.93 -18.72 13.86
CA PRO D 172 11.27 -17.31 13.64
C PRO D 172 12.77 -17.11 13.64
N LEU D 173 13.22 -16.15 12.83
CA LEU D 173 14.63 -15.80 12.74
C LEU D 173 14.78 -14.30 12.91
N ASN D 174 15.87 -13.87 13.53
CA ASN D 174 16.18 -12.44 13.63
C ASN D 174 15.06 -11.64 14.29
N GLY D 175 14.31 -12.26 15.19
CA GLY D 175 13.19 -11.59 15.83
C GLY D 175 11.84 -11.87 15.20
N GLY D 176 11.78 -12.60 14.10
CA GLY D 176 10.49 -12.96 13.53
C GLY D 176 9.67 -11.75 13.14
N ARG D 177 8.43 -11.69 13.64
CA ARG D 177 7.53 -10.58 13.37
C ARG D 177 7.46 -9.60 14.53
N SER D 178 8.42 -9.65 15.46
CA SER D 178 8.42 -8.76 16.62
C SER D 178 9.05 -7.40 16.34
N THR D 179 9.78 -7.25 15.24
CA THR D 179 10.39 -5.98 14.84
C THR D 179 10.20 -5.81 13.34
N GLU D 180 10.35 -4.58 12.89
CA GLU D 180 10.30 -4.29 11.46
C GLU D 180 11.43 -5.04 10.75
N PRO D 181 11.19 -5.56 9.55
CA PRO D 181 12.24 -6.31 8.86
C PRO D 181 13.35 -5.39 8.37
N GLY D 182 14.50 -6.01 8.10
CA GLY D 182 15.58 -5.34 7.42
C GLY D 182 15.36 -5.36 5.93
N PRO D 183 16.41 -5.03 5.15
CA PRO D 183 16.26 -5.03 3.70
C PRO D 183 15.84 -6.39 3.20
N SER D 184 15.15 -6.40 2.07
CA SER D 184 14.69 -7.64 1.46
C SER D 184 15.89 -8.56 1.27
N PRO D 185 15.84 -9.79 1.78
CA PRO D 185 16.96 -10.73 1.55
C PRO D 185 17.17 -10.94 0.06
N LEU D 186 18.43 -11.12 -0.32
CA LEU D 186 18.75 -11.54 -1.69
C LEU D 186 18.38 -10.49 -2.75
N SER D 187 18.39 -9.21 -2.37
CA SER D 187 18.09 -8.16 -3.34
C SER D 187 19.30 -7.80 -4.18
C1 EDO E . -14.47 14.65 11.66
O1 EDO E . -14.91 13.70 10.67
C2 EDO E . -13.88 15.88 11.00
O2 EDO E . -14.85 16.62 10.22
C1 EDO F . 3.85 33.27 15.04
O1 EDO F . 4.62 34.09 14.15
C2 EDO F . 3.40 32.01 14.31
O2 EDO F . 4.53 31.17 14.10
N1 IMD G . 15.62 30.58 -8.32
C2 IMD G . 16.89 30.18 -8.05
N3 IMD G . 17.40 30.98 -7.08
C4 IMD G . 16.45 31.88 -6.74
C5 IMD G . 15.33 31.62 -7.51
C1 EDO H . -10.49 -34.03 5.38
O1 EDO H . -10.68 -34.71 4.14
C2 EDO H . -9.78 -32.71 5.14
O2 EDO H . -10.59 -31.78 4.41
N1 IMD I . -6.74 -28.37 -20.65
C2 IMD I . -8.05 -28.67 -20.46
N3 IMD I . -8.14 -29.78 -19.72
C4 IMD I . -6.89 -30.21 -19.43
C5 IMD I . -6.00 -29.31 -20.02
N1 IMD J . -6.94 -22.47 -23.23
C2 IMD J . -7.86 -23.42 -22.92
N3 IMD J . -9.08 -22.84 -22.92
C4 IMD J . -8.93 -21.53 -23.22
C5 IMD J . -7.58 -21.30 -23.42
C1 EDO K . 6.36 -16.35 15.35
O1 EDO K . 7.22 -15.30 14.87
C2 EDO K . 6.20 -17.45 14.28
O2 EDO K . 7.41 -18.19 14.11
C1 GOL L . 17.55 -37.83 11.02
C1 GOL L . 18.00 -37.65 10.77
O1 GOL L . 18.92 -37.49 10.82
O1 GOL L . 17.78 -38.69 11.69
C2 GOL L . 16.73 -37.62 9.75
C2 GOL L . 16.93 -37.72 9.68
O2 GOL L . 16.90 -36.30 9.27
O2 GOL L . 15.85 -38.49 10.13
C3 GOL L . 15.26 -37.91 10.02
C3 GOL L . 16.44 -36.32 9.33
O3 GOL L . 14.46 -37.48 8.94
O3 GOL L . 15.41 -36.38 8.36
N1 IMD M . 26.75 -20.27 -7.67
C2 IMD M . 26.13 -20.72 -8.77
N3 IMD M . 25.27 -19.78 -9.22
C4 IMD M . 25.36 -18.71 -8.40
C5 IMD M . 26.30 -19.02 -7.42
#